data_6B6U
#
_entry.id   6B6U
#
_cell.length_a   110.350
_cell.length_b   93.610
_cell.length_c   109.360
_cell.angle_alpha   90.000
_cell.angle_beta   95.640
_cell.angle_gamma   90.000
#
_symmetry.space_group_name_H-M   'C 1 2 1'
#
loop_
_entity.id
_entity.type
_entity.pdbx_description
1 polymer 'Pyruvate kinase PKM'
2 non-polymer 'MAGNESIUM ION'
3 non-polymer 'OXALATE ION'
4 non-polymer 'POTASSIUM ION'
5 non-polymer 'CHLORIDE ION'
6 non-polymer 'THIOCYANATE ION'
7 non-polymer DI(HYDROXYETHYL)ETHER
8 non-polymer 2-[3-(2-HYDROXY-1,1-DIHYDROXYMETHYL-ETHYLAMINO)-PROPYLAMINO]-2-HYDROXYMETHYL-PROPANE-1,3-DIOL
9 non-polymer 'TETRAETHYLENE GLYCOL'
10 non-polymer 1,2-ETHANEDIOL
11 water water
#
_entity_poly.entity_id   1
_entity_poly.type   'polypeptide(L)'
_entity_poly.pdbx_seq_one_letter_code
;EAGTAFIQTQQLHAAMADTFLEHMCRLDIDSPPITARNTGIICTIGPASRSVETLKEMIKSGMNVARLNFSHGTHEYHAE
TIKNVRTATESFASDPILYRPVAVALDTKGPEIRTGLIKGSGTAEVELKKGATLKITLDNAYMEKCDENILWLDYKNICK
VVEVGSKIYVDDGLISLQVKQKGADFLVTEVENGGSLGSKKGVNLPGAAVDLPAVSEKDIQDLKFGVEQDVDMVFASFIR
KASDVHEVRKVLGEKGKNIKIISKIENHEGVRRFDEILEASDGIMVARGDLGIEIPAEKVFLAQKMMIGRCNRAGKPVIC
ATQMLESMIKKPRPTRAEGSDVANAVLDGADCIMLSGETAKGDYPLEAVRMQHLIAREAEAAIYHLQLFEELRRLAPITS
DPTEATAVGAVEASFKCCSGAIIVLTKSGRYAHQVARYRPRAPIIAVTRNPQTARQAHLYRGIFPVLCKDPVQEAWAEDV
DLRVNFAMNVGKARGFFKKGDVVIVLTGWRPGSGFTNTMRVVPVP
;
_entity_poly.pdbx_strand_id   A,B
#
# COMPACT_ATOMS: atom_id res chain seq x y z
N GLU A 1 17.76 -3.89 -34.50
CA GLU A 1 18.81 -2.93 -34.85
C GLU A 1 19.18 -2.08 -33.64
N ALA A 2 18.40 -2.20 -32.57
CA ALA A 2 18.76 -1.52 -31.32
C ALA A 2 19.89 -2.25 -30.62
N GLY A 3 19.88 -3.58 -30.63
CA GLY A 3 20.98 -4.36 -30.12
C GLY A 3 20.95 -4.60 -28.62
N THR A 4 22.10 -4.42 -27.96
CA THR A 4 22.24 -4.77 -26.56
C THR A 4 21.32 -3.95 -25.65
N ALA A 5 20.88 -2.78 -26.10
CA ALA A 5 20.03 -1.94 -25.26
C ALA A 5 18.70 -2.59 -24.91
N PHE A 6 18.39 -3.76 -25.49
CA PHE A 6 17.10 -4.40 -25.26
C PHE A 6 16.86 -4.60 -23.76
N ILE A 7 15.67 -4.21 -23.32
CA ILE A 7 15.21 -4.46 -21.97
C ILE A 7 14.25 -5.62 -22.02
N GLN A 8 14.57 -6.69 -21.29
CA GLN A 8 13.67 -7.83 -21.20
C GLN A 8 12.31 -7.37 -20.69
N THR A 9 11.26 -7.89 -21.31
CA THR A 9 9.92 -7.60 -20.88
C THR A 9 9.58 -8.39 -19.62
N GLN A 10 8.40 -8.10 -19.07
CA GLN A 10 7.80 -8.76 -17.92
C GLN A 10 8.77 -9.01 -16.78
N GLN A 11 9.63 -8.02 -16.53
CA GLN A 11 10.56 -8.05 -15.39
C GLN A 11 11.40 -9.32 -15.39
N LEU A 12 11.77 -9.80 -16.56
CA LEU A 12 12.47 -11.07 -16.59
C LEU A 12 13.88 -10.95 -16.04
N HIS A 13 14.51 -9.78 -16.10
CA HIS A 13 15.80 -9.64 -15.44
C HIS A 13 15.66 -9.80 -13.93
N ALA A 14 14.67 -9.13 -13.33
CA ALA A 14 14.41 -9.31 -11.91
C ALA A 14 13.99 -10.74 -11.61
N ALA A 15 13.32 -11.41 -12.54
CA ALA A 15 12.83 -12.76 -12.30
C ALA A 15 14.00 -13.73 -12.09
N MET A 16 15.15 -13.43 -12.67
CA MET A 16 16.30 -14.32 -12.64
CA MET A 16 16.31 -14.32 -12.65
C MET A 16 17.23 -14.06 -11.47
N ALA A 17 16.92 -13.10 -10.61
CA ALA A 17 17.78 -12.78 -9.49
C ALA A 17 17.83 -13.96 -8.52
N ASP A 18 18.99 -14.14 -7.88
CA ASP A 18 19.19 -15.26 -6.97
C ASP A 18 18.79 -14.96 -5.53
N THR A 19 18.46 -13.72 -5.23
CA THR A 19 17.97 -13.33 -3.92
C THR A 19 16.76 -12.42 -4.10
N PHE A 20 15.93 -12.34 -3.08
CA PHE A 20 14.81 -11.42 -3.15
C PHE A 20 15.28 -9.97 -3.16
N LEU A 21 16.30 -9.65 -2.37
CA LEU A 21 16.82 -8.29 -2.38
C LEU A 21 17.28 -7.88 -3.78
N GLU A 22 18.03 -8.75 -4.46
CA GLU A 22 18.46 -8.40 -5.81
C GLU A 22 17.29 -8.37 -6.78
N HIS A 23 16.28 -9.22 -6.56
CA HIS A 23 15.05 -9.14 -7.33
C HIS A 23 14.45 -7.74 -7.26
N MET A 24 14.32 -7.20 -6.05
CA MET A 24 13.83 -5.82 -5.92
C MET A 24 14.72 -4.84 -6.66
N CYS A 25 16.04 -4.95 -6.49
CA CYS A 25 16.98 -4.01 -7.08
C CYS A 25 16.88 -3.98 -8.60
N ARG A 26 16.38 -5.04 -9.21
CA ARG A 26 16.30 -5.15 -10.65
C ARG A 26 14.94 -4.76 -11.22
N LEU A 27 13.97 -4.44 -10.38
CA LEU A 27 12.67 -4.05 -10.92
C LEU A 27 12.83 -2.81 -11.78
N ASP A 28 12.21 -2.82 -12.94
CA ASP A 28 12.55 -1.89 -14.02
C ASP A 28 11.28 -1.26 -14.59
N ILE A 29 11.07 0.03 -14.35
CA ILE A 29 9.90 0.72 -14.90
C ILE A 29 9.87 0.69 -16.42
N ASP A 30 10.99 0.42 -17.08
CA ASP A 30 11.07 0.37 -18.52
C ASP A 30 10.91 -1.04 -19.08
N SER A 31 10.55 -2.01 -18.24
CA SER A 31 10.31 -3.37 -18.68
C SER A 31 8.80 -3.58 -18.78
N PRO A 32 8.24 -3.63 -19.97
CA PRO A 32 6.76 -3.63 -20.09
C PRO A 32 6.18 -5.01 -19.77
N PRO A 33 5.02 -5.05 -19.14
CA PRO A 33 4.37 -6.33 -18.84
C PRO A 33 3.79 -6.97 -20.08
N ILE A 34 3.36 -8.24 -19.93
CA ILE A 34 2.60 -8.96 -20.95
C ILE A 34 1.18 -8.42 -21.01
N THR A 35 0.44 -8.84 -22.04
CA THR A 35 -0.94 -8.43 -22.20
C THR A 35 -1.84 -9.00 -21.11
N ALA A 36 -1.67 -10.28 -20.76
CA ALA A 36 -2.66 -10.94 -19.92
C ALA A 36 -2.56 -10.47 -18.47
N ARG A 37 -3.71 -10.19 -17.86
CA ARG A 37 -3.81 -9.79 -16.46
C ARG A 37 -4.50 -10.93 -15.70
N ASN A 38 -3.78 -11.49 -14.73
CA ASN A 38 -4.15 -12.73 -14.06
C ASN A 38 -5.10 -12.49 -12.86
N THR A 39 -5.05 -11.31 -12.26
CA THR A 39 -5.79 -11.03 -11.03
C THR A 39 -7.19 -10.56 -11.39
N GLY A 40 -8.19 -11.27 -10.91
CA GLY A 40 -9.55 -10.89 -11.20
C GLY A 40 -9.93 -9.57 -10.56
N ILE A 41 -10.79 -8.83 -11.25
CA ILE A 41 -11.28 -7.53 -10.78
C ILE A 41 -12.77 -7.66 -10.49
N ILE A 42 -13.13 -7.39 -9.23
CA ILE A 42 -14.51 -7.43 -8.76
C ILE A 42 -14.99 -6.00 -8.57
N CYS A 43 -16.12 -5.65 -9.18
CA CYS A 43 -16.62 -4.29 -9.13
C CYS A 43 -18.00 -4.27 -8.52
N THR A 44 -18.18 -3.42 -7.52
CA THR A 44 -19.50 -3.22 -6.94
C THR A 44 -20.32 -2.35 -7.87
N ILE A 45 -21.53 -2.80 -8.16
CA ILE A 45 -22.41 -2.07 -9.07
C ILE A 45 -23.39 -1.25 -8.26
N GLY A 46 -23.62 -0.01 -8.71
CA GLY A 46 -24.51 0.89 -8.03
C GLY A 46 -24.94 1.95 -9.00
N PRO A 47 -25.45 3.08 -8.49
CA PRO A 47 -25.96 4.12 -9.40
C PRO A 47 -24.96 4.58 -10.44
N ALA A 48 -23.67 4.57 -10.14
CA ALA A 48 -22.69 5.06 -11.09
C ALA A 48 -22.40 4.07 -12.20
N SER A 49 -22.80 2.81 -12.06
CA SER A 49 -22.30 1.77 -12.93
C SER A 49 -23.36 0.78 -13.40
N ARG A 50 -24.63 0.99 -13.10
CA ARG A 50 -25.60 -0.06 -13.38
C ARG A 50 -26.31 0.10 -14.72
N SER A 51 -26.08 1.18 -15.46
CA SER A 51 -26.67 1.25 -16.79
C SER A 51 -26.00 0.23 -17.71
N VAL A 52 -26.76 -0.29 -18.68
CA VAL A 52 -26.18 -1.25 -19.62
C VAL A 52 -24.96 -0.67 -20.32
N GLU A 53 -25.04 0.59 -20.74
CA GLU A 53 -23.93 1.15 -21.50
C GLU A 53 -22.68 1.29 -20.65
N THR A 54 -22.82 1.69 -19.38
CA THR A 54 -21.65 1.74 -18.52
C THR A 54 -21.11 0.35 -18.25
N LEU A 55 -21.99 -0.63 -18.03
CA LEU A 55 -21.55 -1.99 -17.76
C LEU A 55 -20.76 -2.56 -18.93
N LYS A 56 -21.16 -2.25 -20.16
CA LYS A 56 -20.40 -2.70 -21.31
C LYS A 56 -18.98 -2.17 -21.26
N GLU A 57 -18.82 -0.88 -20.92
CA GLU A 57 -17.49 -0.30 -20.82
C GLU A 57 -16.72 -0.87 -19.63
N MET A 58 -17.40 -1.17 -18.54
CA MET A 58 -16.68 -1.78 -17.44
CA MET A 58 -16.77 -1.82 -17.39
C MET A 58 -16.17 -3.16 -17.82
N ILE A 59 -16.93 -3.94 -18.58
CA ILE A 59 -16.44 -5.23 -19.06
C ILE A 59 -15.23 -5.04 -19.94
N LYS A 60 -15.31 -4.12 -20.90
CA LYS A 60 -14.17 -3.84 -21.77
C LYS A 60 -12.96 -3.39 -20.98
N SER A 61 -13.18 -2.68 -19.87
CA SER A 61 -12.08 -2.14 -19.06
C SER A 61 -11.49 -3.19 -18.12
N GLY A 62 -12.18 -4.30 -17.91
CA GLY A 62 -11.59 -5.39 -17.16
C GLY A 62 -12.42 -6.00 -16.05
N MET A 63 -13.65 -5.53 -15.83
CA MET A 63 -14.48 -6.13 -14.78
C MET A 63 -14.73 -7.60 -15.06
N ASN A 64 -14.49 -8.45 -14.06
CA ASN A 64 -14.75 -9.88 -14.18
C ASN A 64 -15.93 -10.36 -13.36
N VAL A 65 -16.24 -9.67 -12.26
CA VAL A 65 -17.29 -10.03 -11.33
C VAL A 65 -18.04 -8.76 -10.96
N ALA A 66 -19.36 -8.81 -11.04
CA ALA A 66 -20.24 -7.74 -10.59
C ALA A 66 -20.72 -8.10 -9.19
N ARG A 67 -20.39 -7.25 -8.22
CA ARG A 67 -20.79 -7.42 -6.83
C ARG A 67 -22.04 -6.61 -6.53
N LEU A 68 -23.05 -7.29 -5.99
CA LEU A 68 -24.29 -6.65 -5.57
C LEU A 68 -24.27 -6.55 -4.06
N ASN A 69 -24.28 -5.33 -3.54
CA ASN A 69 -24.16 -5.11 -2.11
C ASN A 69 -25.56 -5.04 -1.51
N PHE A 70 -25.98 -6.11 -0.85
CA PHE A 70 -27.32 -6.17 -0.30
C PHE A 70 -27.45 -5.40 1.00
N SER A 71 -26.42 -4.67 1.44
CA SER A 71 -26.61 -3.70 2.51
C SER A 71 -27.49 -2.55 2.07
N HIS A 72 -27.64 -2.33 0.76
CA HIS A 72 -28.42 -1.24 0.22
C HIS A 72 -29.28 -1.77 -0.91
N GLY A 73 -30.43 -1.16 -1.11
CA GLY A 73 -31.25 -1.49 -2.26
C GLY A 73 -32.21 -2.63 -1.98
N THR A 74 -33.35 -2.57 -2.62
CA THR A 74 -34.39 -3.56 -2.46
C THR A 74 -34.25 -4.64 -3.55
N HIS A 75 -35.07 -5.68 -3.45
CA HIS A 75 -34.89 -6.80 -4.37
C HIS A 75 -35.13 -6.41 -5.82
N GLU A 76 -36.12 -5.55 -6.10
CA GLU A 76 -36.32 -5.19 -7.50
CA GLU A 76 -36.33 -5.15 -7.49
C GLU A 76 -35.15 -4.38 -8.03
N TYR A 77 -34.49 -3.60 -7.20
CA TYR A 77 -33.32 -2.87 -7.63
C TYR A 77 -32.21 -3.82 -8.03
N HIS A 78 -31.92 -4.82 -7.20
CA HIS A 78 -30.91 -5.81 -7.51
C HIS A 78 -31.30 -6.66 -8.71
N ALA A 79 -32.57 -7.03 -8.82
CA ALA A 79 -32.99 -7.78 -9.99
C ALA A 79 -32.68 -7.01 -11.27
N GLU A 80 -32.95 -5.71 -11.27
CA GLU A 80 -32.70 -4.92 -12.47
CA GLU A 80 -32.70 -4.92 -12.47
C GLU A 80 -31.19 -4.77 -12.72
N THR A 81 -30.41 -4.59 -11.67
CA THR A 81 -28.96 -4.57 -11.86
C THR A 81 -28.49 -5.86 -12.52
N ILE A 82 -28.94 -7.00 -12.00
CA ILE A 82 -28.54 -8.29 -12.57
C ILE A 82 -28.94 -8.37 -14.02
N LYS A 83 -30.17 -7.96 -14.33
CA LYS A 83 -30.64 -7.97 -15.70
C LYS A 83 -29.72 -7.15 -16.59
N ASN A 84 -29.32 -5.97 -16.11
CA ASN A 84 -28.46 -5.09 -16.90
C ASN A 84 -27.08 -5.69 -17.08
N VAL A 85 -26.53 -6.31 -16.03
CA VAL A 85 -25.24 -6.98 -16.16
C VAL A 85 -25.30 -8.01 -17.26
N ARG A 86 -26.39 -8.79 -17.28
CA ARG A 86 -26.50 -9.87 -18.25
C ARG A 86 -26.70 -9.33 -19.66
N THR A 87 -27.48 -8.26 -19.79
CA THR A 87 -27.63 -7.65 -21.12
C THR A 87 -26.28 -7.18 -21.62
N ALA A 88 -25.53 -6.48 -20.78
CA ALA A 88 -24.22 -5.97 -21.18
C ALA A 88 -23.28 -7.13 -21.52
N THR A 89 -23.24 -8.15 -20.66
CA THR A 89 -22.34 -9.27 -20.89
C THR A 89 -22.68 -10.01 -22.18
N GLU A 90 -23.96 -10.26 -22.41
CA GLU A 90 -24.38 -11.02 -23.58
C GLU A 90 -24.33 -10.20 -24.86
N SER A 91 -24.16 -8.89 -24.77
CA SER A 91 -23.98 -8.10 -25.99
C SER A 91 -22.70 -8.49 -26.73
N PHE A 92 -21.78 -9.18 -26.05
CA PHE A 92 -20.53 -9.64 -26.65
C PHE A 92 -20.58 -11.13 -27.02
N ALA A 93 -21.70 -11.80 -26.84
CA ALA A 93 -21.76 -13.25 -26.98
C ALA A 93 -21.61 -13.75 -28.42
N SER A 94 -21.86 -12.90 -29.42
CA SER A 94 -21.87 -13.41 -30.78
C SER A 94 -20.50 -13.89 -31.25
N ASP A 95 -19.43 -13.54 -30.53
CA ASP A 95 -18.08 -13.96 -30.88
C ASP A 95 -17.49 -14.67 -29.66
N PRO A 96 -17.62 -16.00 -29.58
CA PRO A 96 -17.09 -16.70 -28.39
C PRO A 96 -15.61 -16.52 -28.19
N ILE A 97 -14.85 -16.25 -29.25
CA ILE A 97 -13.40 -16.07 -29.10
C ILE A 97 -13.11 -14.88 -28.21
N LEU A 98 -13.93 -13.83 -28.33
CA LEU A 98 -13.71 -12.60 -27.58
C LEU A 98 -14.64 -12.44 -26.38
N TYR A 99 -15.70 -13.22 -26.28
CA TYR A 99 -16.64 -13.08 -25.17
C TYR A 99 -15.95 -13.30 -23.82
N ARG A 100 -16.16 -12.37 -22.91
CA ARG A 100 -15.68 -12.47 -21.55
C ARG A 100 -16.83 -12.84 -20.61
N PRO A 101 -16.80 -13.99 -19.96
CA PRO A 101 -17.82 -14.27 -18.95
C PRO A 101 -17.73 -13.24 -17.84
N VAL A 102 -18.86 -12.95 -17.23
CA VAL A 102 -18.93 -12.02 -16.10
C VAL A 102 -19.75 -12.68 -15.00
N ALA A 103 -19.17 -12.84 -13.83
CA ALA A 103 -19.85 -13.45 -12.71
C ALA A 103 -20.69 -12.43 -11.94
N VAL A 104 -21.68 -12.95 -11.23
CA VAL A 104 -22.54 -12.15 -10.36
C VAL A 104 -22.38 -12.65 -8.93
N ALA A 105 -22.09 -11.73 -8.01
CA ALA A 105 -21.85 -12.03 -6.61
C ALA A 105 -22.84 -11.29 -5.74
N LEU A 106 -23.46 -12.02 -4.82
CA LEU A 106 -24.36 -11.44 -3.83
C LEU A 106 -23.59 -11.26 -2.53
N ASP A 107 -23.47 -10.02 -2.07
CA ASP A 107 -22.76 -9.70 -0.84
C ASP A 107 -23.82 -9.39 0.23
N THR A 108 -23.86 -10.23 1.28
CA THR A 108 -24.97 -10.14 2.21
C THR A 108 -24.85 -8.89 3.09
N LYS A 109 -26.00 -8.46 3.57
CA LYS A 109 -26.01 -7.46 4.62
CA LYS A 109 -26.00 -7.46 4.63
C LYS A 109 -25.38 -8.02 5.89
N GLY A 110 -25.91 -9.13 6.39
CA GLY A 110 -25.38 -9.74 7.58
C GLY A 110 -25.62 -8.89 8.81
N PRO A 111 -24.86 -9.19 9.89
CA PRO A 111 -25.13 -8.57 11.20
C PRO A 111 -24.54 -7.16 11.33
N GLU A 112 -25.06 -6.25 10.49
CA GLU A 112 -24.73 -4.85 10.53
C GLU A 112 -25.48 -4.14 11.62
N ILE A 113 -24.88 -3.07 12.13
CA ILE A 113 -25.55 -2.09 12.96
C ILE A 113 -25.59 -0.80 12.16
N ARG A 114 -26.77 -0.19 12.07
CA ARG A 114 -26.96 1.02 11.28
C ARG A 114 -27.75 2.04 12.06
N THR A 115 -27.41 3.32 11.87
CA THR A 115 -28.15 4.40 12.47
C THR A 115 -29.42 4.68 11.67
N GLY A 116 -30.22 5.62 12.18
CA GLY A 116 -31.45 6.01 11.54
C GLY A 116 -31.28 7.20 10.62
N LEU A 117 -32.40 7.85 10.31
CA LEU A 117 -32.40 8.99 9.42
C LEU A 117 -32.23 10.28 10.20
N ILE A 118 -31.36 11.16 9.69
CA ILE A 118 -31.25 12.51 10.22
C ILE A 118 -32.59 13.23 10.08
N LYS A 119 -32.97 13.96 11.13
CA LYS A 119 -34.27 14.61 11.14
C LYS A 119 -34.39 15.56 9.96
N GLY A 120 -35.63 15.72 9.50
CA GLY A 120 -35.93 16.44 8.29
C GLY A 120 -36.34 15.51 7.17
N SER A 121 -35.56 15.49 6.09
CA SER A 121 -35.80 14.61 4.96
C SER A 121 -34.96 13.33 5.02
N GLY A 122 -33.93 13.29 5.86
CA GLY A 122 -32.99 12.19 5.90
C GLY A 122 -31.73 12.43 5.10
N THR A 123 -31.74 13.38 4.16
CA THR A 123 -30.58 13.68 3.35
C THR A 123 -29.69 14.76 3.97
N ALA A 124 -30.11 15.35 5.08
CA ALA A 124 -29.28 16.32 5.77
C ALA A 124 -28.21 15.59 6.59
N GLU A 125 -27.31 16.39 7.18
CA GLU A 125 -26.28 15.91 8.07
C GLU A 125 -26.23 16.83 9.28
N VAL A 126 -25.73 16.31 10.40
CA VAL A 126 -25.51 17.11 11.59
C VAL A 126 -24.04 17.04 11.96
N GLU A 127 -23.54 18.12 12.54
CA GLU A 127 -22.15 18.19 12.98
C GLU A 127 -22.07 17.70 14.42
N LEU A 128 -21.27 16.66 14.65
CA LEU A 128 -20.95 16.21 16.00
C LEU A 128 -19.62 16.82 16.39
N LYS A 129 -19.59 17.51 17.53
CA LYS A 129 -18.44 18.26 17.98
C LYS A 129 -17.72 17.51 19.09
N LYS A 130 -16.38 17.56 19.07
CA LYS A 130 -15.60 16.87 20.08
C LYS A 130 -15.98 17.36 21.47
N GLY A 131 -16.08 16.41 22.41
CA GLY A 131 -16.44 16.71 23.78
C GLY A 131 -17.93 16.89 24.02
N ALA A 132 -18.75 17.00 22.98
CA ALA A 132 -20.18 17.12 23.16
C ALA A 132 -20.78 15.79 23.59
N THR A 133 -21.95 15.86 24.21
CA THR A 133 -22.67 14.67 24.62
C THR A 133 -23.60 14.24 23.49
N LEU A 134 -23.77 12.93 23.35
CA LEU A 134 -24.67 12.37 22.34
C LEU A 134 -25.32 11.15 22.94
N LYS A 135 -26.64 11.14 22.92
CA LYS A 135 -27.41 10.01 23.45
C LYS A 135 -27.72 9.05 22.32
N ILE A 136 -27.39 7.78 22.52
CA ILE A 136 -27.82 6.73 21.61
C ILE A 136 -29.09 6.12 22.18
N THR A 137 -30.12 6.00 21.34
CA THR A 137 -31.42 5.50 21.77
C THR A 137 -31.85 4.34 20.89
N LEU A 138 -32.65 3.47 21.47
CA LEU A 138 -33.31 2.41 20.71
C LEU A 138 -34.79 2.69 20.49
N ASP A 139 -35.28 3.81 21.00
CA ASP A 139 -36.70 4.17 20.90
C ASP A 139 -37.03 4.55 19.46
N ASN A 140 -37.87 3.74 18.81
CA ASN A 140 -38.17 3.94 17.40
C ASN A 140 -38.85 5.27 17.11
N ALA A 141 -39.35 5.96 18.14
CA ALA A 141 -39.86 7.31 17.93
C ALA A 141 -38.81 8.20 17.25
N TYR A 142 -37.53 7.90 17.45
CA TYR A 142 -36.45 8.70 16.92
C TYR A 142 -35.79 8.10 15.69
N MET A 143 -36.36 7.03 15.14
CA MET A 143 -35.64 6.34 14.07
C MET A 143 -35.48 7.21 12.83
N GLU A 144 -36.30 8.25 12.68
CA GLU A 144 -36.14 9.21 11.60
C GLU A 144 -35.95 10.63 12.15
N LYS A 145 -35.47 10.74 13.39
CA LYS A 145 -35.31 12.02 14.07
C LYS A 145 -33.94 12.11 14.72
N CYS A 146 -32.93 11.55 14.04
CA CYS A 146 -31.56 11.61 14.54
C CYS A 146 -31.01 13.01 14.36
N ASP A 147 -30.25 13.46 15.35
CA ASP A 147 -29.57 14.74 15.25
C ASP A 147 -28.36 14.74 16.18
N GLU A 148 -27.80 15.93 16.42
CA GLU A 148 -26.57 15.99 17.20
C GLU A 148 -26.78 15.67 18.68
N ASN A 149 -28.03 15.56 19.14
CA ASN A 149 -28.29 15.26 20.54
C ASN A 149 -28.74 13.81 20.75
N ILE A 150 -29.40 13.21 19.78
CA ILE A 150 -29.93 11.87 19.95
C ILE A 150 -29.74 11.08 18.65
N LEU A 151 -29.22 9.87 18.77
CA LEU A 151 -28.91 9.04 17.62
C LEU A 151 -29.58 7.68 17.81
N TRP A 152 -30.53 7.35 16.94
CA TRP A 152 -31.16 6.04 16.94
C TRP A 152 -30.31 5.07 16.14
N LEU A 153 -30.27 3.82 16.59
CA LEU A 153 -29.69 2.75 15.79
C LEU A 153 -30.49 1.48 15.99
N ASP A 154 -30.21 0.47 15.16
CA ASP A 154 -31.14 -0.64 15.00
C ASP A 154 -30.76 -1.90 15.76
N TYR A 155 -29.74 -1.87 16.60
CA TYR A 155 -29.27 -3.06 17.31
C TYR A 155 -29.92 -3.10 18.68
N LYS A 156 -30.94 -3.94 18.83
CA LYS A 156 -31.80 -3.92 20.02
C LYS A 156 -31.08 -4.35 21.29
N ASN A 157 -30.01 -5.13 21.18
N ASN A 157 -29.99 -5.11 21.15
CA ASN A 157 -29.30 -5.60 22.37
CA ASN A 157 -29.25 -5.64 22.30
C ASN A 157 -28.01 -4.83 22.63
C ASN A 157 -28.03 -4.81 22.67
N ILE A 158 -27.85 -3.64 22.05
CA ILE A 158 -26.59 -2.91 22.19
C ILE A 158 -26.25 -2.65 23.65
N CYS A 159 -27.25 -2.33 24.47
CA CYS A 159 -26.96 -2.00 25.86
C CYS A 159 -26.41 -3.17 26.65
N LYS A 160 -26.70 -4.40 26.22
CA LYS A 160 -26.18 -5.57 26.91
C LYS A 160 -24.67 -5.73 26.69
N VAL A 161 -24.20 -5.46 25.47
CA VAL A 161 -22.85 -5.86 25.07
C VAL A 161 -21.79 -4.77 25.24
N VAL A 162 -22.19 -3.52 25.46
CA VAL A 162 -21.23 -2.47 25.70
C VAL A 162 -21.24 -2.14 27.19
N GLU A 163 -20.19 -1.44 27.62
CA GLU A 163 -20.04 -1.04 29.01
C GLU A 163 -19.55 0.40 29.04
N VAL A 164 -19.65 1.02 30.21
CA VAL A 164 -19.07 2.35 30.39
C VAL A 164 -17.59 2.28 30.04
N GLY A 165 -17.14 3.26 29.25
CA GLY A 165 -15.77 3.30 28.78
C GLY A 165 -15.57 2.74 27.39
N SER A 166 -16.46 1.88 26.91
CA SER A 166 -16.37 1.30 25.57
CA SER A 166 -16.25 1.33 25.59
C SER A 166 -16.43 2.40 24.52
N LYS A 167 -15.84 2.10 23.35
CA LYS A 167 -15.83 3.00 22.22
C LYS A 167 -16.83 2.52 21.18
N ILE A 168 -17.57 3.47 20.60
CA ILE A 168 -18.53 3.20 19.53
C ILE A 168 -18.10 4.02 18.32
N TYR A 169 -17.99 3.37 17.18
CA TYR A 169 -17.57 4.01 15.95
C TYR A 169 -18.74 4.12 14.99
N VAL A 170 -18.83 5.24 14.29
CA VAL A 170 -19.90 5.49 13.34
C VAL A 170 -19.30 6.01 12.03
N ASP A 171 -19.84 5.50 10.91
CA ASP A 171 -19.49 5.96 9.56
C ASP A 171 -18.04 5.68 9.20
N ASP A 172 -17.76 4.42 8.82
CA ASP A 172 -16.41 4.02 8.44
C ASP A 172 -15.42 4.31 9.54
N GLY A 173 -15.88 4.22 10.78
CA GLY A 173 -14.98 4.42 11.89
C GLY A 173 -14.50 5.83 12.04
N LEU A 174 -15.12 6.79 11.35
CA LEU A 174 -14.62 8.17 11.35
C LEU A 174 -15.11 8.97 12.53
N ILE A 175 -16.31 8.71 13.00
CA ILE A 175 -16.81 9.31 14.22
C ILE A 175 -16.60 8.31 15.34
N SER A 176 -16.13 8.79 16.49
CA SER A 176 -15.92 7.91 17.62
C SER A 176 -16.56 8.51 18.85
N LEU A 177 -17.19 7.64 19.63
CA LEU A 177 -17.91 8.01 20.83
C LEU A 177 -17.41 7.14 21.96
N GLN A 178 -17.35 7.70 23.15
CA GLN A 178 -17.05 6.91 24.34
C GLN A 178 -18.29 6.88 25.21
N VAL A 179 -18.67 5.67 25.63
CA VAL A 179 -19.85 5.49 26.47
C VAL A 179 -19.55 6.02 27.87
N LYS A 180 -20.38 6.95 28.32
CA LYS A 180 -20.25 7.51 29.66
C LYS A 180 -21.28 6.95 30.64
N GLN A 181 -22.52 6.70 30.18
CA GLN A 181 -23.57 6.18 31.03
C GLN A 181 -24.45 5.21 30.24
N LYS A 182 -25.01 4.25 30.98
CA LYS A 182 -25.92 3.26 30.41
C LYS A 182 -27.34 3.47 30.92
N GLY A 183 -28.30 3.06 30.08
CA GLY A 183 -29.69 3.02 30.49
C GLY A 183 -30.33 1.74 29.96
N ALA A 184 -31.55 1.48 30.44
CA ALA A 184 -32.26 0.29 30.00
C ALA A 184 -32.31 0.18 28.49
N ASP A 185 -32.49 1.32 27.81
CA ASP A 185 -32.61 1.33 26.35
C ASP A 185 -31.86 2.52 25.74
N PHE A 186 -30.82 3.01 26.40
CA PHE A 186 -30.08 4.15 25.87
C PHE A 186 -28.65 4.12 26.38
N LEU A 187 -27.79 4.85 25.69
CA LEU A 187 -26.41 5.07 26.12
C LEU A 187 -26.14 6.57 26.03
N VAL A 188 -25.45 7.09 27.03
CA VAL A 188 -24.98 8.48 26.99
C VAL A 188 -23.50 8.44 26.64
N THR A 189 -23.14 9.08 25.54
CA THR A 189 -21.76 9.03 25.06
C THR A 189 -21.20 10.44 24.99
N GLU A 190 -19.86 10.50 24.90
CA GLU A 190 -19.14 11.74 24.63
C GLU A 190 -18.46 11.57 23.28
N VAL A 191 -18.62 12.57 22.41
CA VAL A 191 -17.96 12.56 21.10
C VAL A 191 -16.45 12.71 21.32
N GLU A 192 -15.69 11.75 20.81
CA GLU A 192 -14.23 11.86 20.81
C GLU A 192 -13.76 12.44 19.48
N ASN A 193 -13.87 11.65 18.41
CA ASN A 193 -13.67 12.18 17.06
C ASN A 193 -15.03 12.61 16.51
N GLY A 194 -15.21 13.92 16.36
CA GLY A 194 -16.42 14.45 15.79
C GLY A 194 -16.37 14.47 14.28
N GLY A 195 -17.43 14.97 13.69
CA GLY A 195 -17.54 15.04 12.25
C GLY A 195 -18.98 15.20 11.83
N SER A 196 -19.19 15.14 10.52
CA SER A 196 -20.52 15.31 9.93
C SER A 196 -21.19 13.96 9.80
N LEU A 197 -22.39 13.83 10.39
CA LEU A 197 -23.10 12.56 10.46
C LEU A 197 -24.32 12.61 9.55
N GLY A 198 -24.39 11.67 8.60
CA GLY A 198 -25.54 11.49 7.74
C GLY A 198 -26.42 10.36 8.20
N SER A 199 -27.29 9.90 7.30
CA SER A 199 -28.29 8.89 7.63
C SER A 199 -27.79 7.48 7.36
N LYS A 200 -28.28 6.54 8.17
CA LYS A 200 -28.09 5.10 7.93
C LYS A 200 -26.64 4.73 7.77
N LYS A 201 -25.83 5.16 8.72
CA LYS A 201 -24.40 4.91 8.70
C LYS A 201 -24.07 3.68 9.54
N GLY A 202 -22.98 3.01 9.16
CA GLY A 202 -22.60 1.79 9.84
C GLY A 202 -21.93 2.08 11.18
N VAL A 203 -22.22 1.21 12.14
CA VAL A 203 -21.75 1.33 13.51
C VAL A 203 -20.92 0.10 13.86
N ASN A 204 -19.79 0.32 14.52
CA ASN A 204 -18.95 -0.79 14.97
C ASN A 204 -18.70 -0.67 16.47
N LEU A 205 -18.66 -1.83 17.13
CA LEU A 205 -18.45 -1.93 18.58
C LEU A 205 -17.21 -2.81 18.83
N PRO A 206 -16.02 -2.29 18.58
CA PRO A 206 -14.82 -3.12 18.72
C PRO A 206 -14.69 -3.64 20.16
N GLY A 207 -14.30 -4.90 20.28
CA GLY A 207 -14.16 -5.50 21.60
C GLY A 207 -15.46 -5.89 22.26
N ALA A 208 -16.62 -5.53 21.71
CA ALA A 208 -17.90 -5.98 22.23
C ALA A 208 -18.29 -7.29 21.56
N ALA A 209 -18.94 -8.16 22.33
CA ALA A 209 -19.40 -9.45 21.81
C ALA A 209 -20.78 -9.25 21.19
N VAL A 210 -20.80 -8.87 19.93
CA VAL A 210 -22.06 -8.65 19.23
C VAL A 210 -22.65 -10.01 18.88
N ASP A 211 -23.93 -10.21 19.22
CA ASP A 211 -24.63 -11.48 19.20
CA ASP A 211 -24.48 -11.56 19.03
C ASP A 211 -25.68 -11.57 18.09
N LEU A 212 -25.67 -10.64 17.13
CA LEU A 212 -26.54 -10.73 15.98
C LEU A 212 -26.18 -11.98 15.18
N PRO A 213 -27.14 -12.58 14.48
CA PRO A 213 -26.83 -13.79 13.71
C PRO A 213 -26.00 -13.48 12.48
N ALA A 214 -25.07 -14.38 12.11
CA ALA A 214 -24.36 -14.17 10.85
C ALA A 214 -25.33 -14.15 9.68
N VAL A 215 -26.40 -14.95 9.77
CA VAL A 215 -27.40 -15.05 8.73
C VAL A 215 -28.75 -14.89 9.40
N SER A 216 -29.33 -13.69 9.31
CA SER A 216 -30.63 -13.43 9.88
C SER A 216 -31.73 -13.94 8.96
N GLU A 217 -32.96 -13.89 9.46
CA GLU A 217 -34.11 -14.24 8.61
C GLU A 217 -34.14 -13.40 7.34
N LYS A 218 -33.90 -12.09 7.47
CA LYS A 218 -33.87 -11.25 6.28
C LYS A 218 -32.71 -11.61 5.37
N ASP A 219 -31.56 -12.01 5.91
CA ASP A 219 -30.47 -12.47 5.06
C ASP A 219 -30.86 -13.72 4.29
N ILE A 220 -31.59 -14.63 4.93
CA ILE A 220 -32.04 -15.82 4.24
C ILE A 220 -32.92 -15.46 3.07
N GLN A 221 -33.81 -14.48 3.25
CA GLN A 221 -34.64 -14.04 2.14
C GLN A 221 -33.78 -13.53 0.98
N ASP A 222 -32.70 -12.80 1.30
CA ASP A 222 -31.80 -12.33 0.25
C ASP A 222 -31.10 -13.49 -0.43
N LEU A 223 -30.63 -14.48 0.35
CA LEU A 223 -29.96 -15.63 -0.23
C LEU A 223 -30.89 -16.42 -1.14
N LYS A 224 -32.14 -16.62 -0.72
CA LYS A 224 -33.10 -17.34 -1.54
CA LYS A 224 -33.07 -17.35 -1.55
C LYS A 224 -33.32 -16.61 -2.85
N PHE A 225 -33.41 -15.29 -2.78
CA PHE A 225 -33.51 -14.47 -3.98
C PHE A 225 -32.28 -14.63 -4.85
N GLY A 226 -31.10 -14.69 -4.25
CA GLY A 226 -29.90 -14.93 -5.03
C GLY A 226 -29.95 -16.23 -5.80
N VAL A 227 -30.48 -17.29 -5.18
CA VAL A 227 -30.63 -18.56 -5.88
C VAL A 227 -31.59 -18.41 -7.06
N GLU A 228 -32.73 -17.74 -6.83
CA GLU A 228 -33.70 -17.53 -7.89
C GLU A 228 -33.07 -16.78 -9.06
N GLN A 229 -32.18 -15.84 -8.75
CA GLN A 229 -31.53 -15.00 -9.74
C GLN A 229 -30.28 -15.63 -10.32
N ASP A 230 -29.97 -16.87 -9.91
CA ASP A 230 -28.86 -17.64 -10.49
C ASP A 230 -27.51 -16.95 -10.27
N VAL A 231 -27.29 -16.40 -9.08
CA VAL A 231 -25.97 -15.82 -8.80
C VAL A 231 -24.91 -16.91 -8.76
N ASP A 232 -23.66 -16.48 -8.96
CA ASP A 232 -22.53 -17.41 -9.02
C ASP A 232 -21.86 -17.64 -7.68
N MET A 233 -21.95 -16.68 -6.77
CA MET A 233 -21.19 -16.74 -5.53
C MET A 233 -21.88 -15.81 -4.54
N VAL A 234 -21.67 -16.11 -3.28
CA VAL A 234 -22.10 -15.30 -2.15
C VAL A 234 -20.85 -14.82 -1.43
N PHE A 235 -20.79 -13.52 -1.16
CA PHE A 235 -19.81 -12.95 -0.25
C PHE A 235 -20.52 -12.74 1.08
N ALA A 236 -20.24 -13.58 2.07
CA ALA A 236 -21.01 -13.61 3.32
C ALA A 236 -20.36 -12.72 4.35
N SER A 237 -21.06 -11.66 4.75
CA SER A 237 -20.53 -10.67 5.67
C SER A 237 -20.41 -11.19 7.09
N PHE A 238 -19.33 -10.77 7.74
CA PHE A 238 -19.13 -10.93 9.19
C PHE A 238 -19.06 -12.39 9.63
N ILE A 239 -18.50 -13.27 8.81
CA ILE A 239 -18.35 -14.66 9.22
C ILE A 239 -17.39 -14.76 10.40
N ARG A 240 -17.82 -15.42 11.47
CA ARG A 240 -17.07 -15.52 12.72
C ARG A 240 -16.59 -16.92 13.04
N LYS A 241 -17.16 -17.95 12.41
CA LYS A 241 -16.87 -19.32 12.80
C LYS A 241 -17.38 -20.22 11.69
N ALA A 242 -16.90 -21.47 11.70
CA ALA A 242 -17.27 -22.39 10.62
C ALA A 242 -18.78 -22.56 10.51
N SER A 243 -19.50 -22.61 11.63
CA SER A 243 -20.93 -22.86 11.53
C SER A 243 -21.65 -21.74 10.80
N ASP A 244 -21.13 -20.51 10.84
CA ASP A 244 -21.74 -19.43 10.09
C ASP A 244 -21.70 -19.75 8.59
N VAL A 245 -20.58 -20.31 8.12
CA VAL A 245 -20.47 -20.68 6.71
C VAL A 245 -21.53 -21.71 6.35
N HIS A 246 -21.73 -22.69 7.24
CA HIS A 246 -22.77 -23.69 7.01
C HIS A 246 -24.16 -23.07 6.96
N GLU A 247 -24.42 -22.06 7.80
CA GLU A 247 -25.72 -21.40 7.74
C GLU A 247 -25.98 -20.81 6.36
N VAL A 248 -24.94 -20.24 5.74
CA VAL A 248 -25.08 -19.72 4.39
C VAL A 248 -25.28 -20.84 3.40
N ARG A 249 -24.38 -21.82 3.40
CA ARG A 249 -24.39 -22.82 2.33
CA ARG A 249 -24.38 -22.83 2.35
C ARG A 249 -25.64 -23.67 2.40
N LYS A 250 -26.01 -24.15 3.58
CA LYS A 250 -27.10 -25.12 3.65
C LYS A 250 -28.44 -24.49 3.27
N VAL A 251 -28.64 -23.20 3.55
CA VAL A 251 -29.94 -22.62 3.28
C VAL A 251 -30.15 -22.41 1.78
N LEU A 252 -29.09 -22.44 0.98
CA LEU A 252 -29.28 -22.31 -0.47
C LEU A 252 -29.97 -23.52 -1.09
N GLY A 253 -30.04 -24.63 -0.39
CA GLY A 253 -30.72 -25.80 -0.87
C GLY A 253 -29.93 -26.53 -1.94
N GLU A 254 -30.52 -27.61 -2.41
CA GLU A 254 -29.94 -28.34 -3.54
C GLU A 254 -29.80 -27.43 -4.75
N LYS A 255 -30.81 -26.59 -4.99
CA LYS A 255 -30.79 -25.71 -6.15
C LYS A 255 -29.57 -24.81 -6.15
N GLY A 256 -29.09 -24.41 -4.97
CA GLY A 256 -27.95 -23.52 -4.90
C GLY A 256 -26.65 -24.16 -4.50
N LYS A 257 -26.55 -25.49 -4.61
CA LYS A 257 -25.38 -26.18 -4.09
C LYS A 257 -24.09 -25.87 -4.85
N ASN A 258 -24.16 -25.37 -6.08
CA ASN A 258 -22.93 -25.05 -6.81
C ASN A 258 -22.52 -23.60 -6.67
N ILE A 259 -23.27 -22.81 -5.91
CA ILE A 259 -22.88 -21.42 -5.66
C ILE A 259 -21.67 -21.40 -4.74
N LYS A 260 -20.63 -20.64 -5.10
CA LYS A 260 -19.43 -20.58 -4.27
C LYS A 260 -19.67 -19.69 -3.06
N ILE A 261 -19.20 -20.14 -1.90
CA ILE A 261 -19.38 -19.43 -0.62
C ILE A 261 -18.05 -18.82 -0.24
N ILE A 262 -17.99 -17.49 -0.29
CA ILE A 262 -16.80 -16.71 0.06
C ILE A 262 -17.08 -16.07 1.42
N SER A 263 -16.31 -16.45 2.44
CA SER A 263 -16.50 -15.85 3.75
C SER A 263 -15.74 -14.54 3.85
N LYS A 264 -16.44 -13.49 4.27
CA LYS A 264 -15.81 -12.21 4.53
C LYS A 264 -15.32 -12.17 5.96
N ILE A 265 -14.03 -11.87 6.11
CA ILE A 265 -13.39 -11.76 7.41
C ILE A 265 -13.26 -10.28 7.72
N GLU A 266 -13.99 -9.84 8.72
CA GLU A 266 -14.08 -8.42 9.01
C GLU A 266 -14.26 -8.16 10.49
N ASN A 267 -13.94 -9.12 11.35
CA ASN A 267 -13.92 -8.87 12.78
C ASN A 267 -12.84 -9.73 13.43
N HIS A 268 -12.59 -9.46 14.71
CA HIS A 268 -11.49 -10.12 15.40
CA HIS A 268 -11.48 -10.13 15.39
C HIS A 268 -11.72 -11.62 15.48
N GLU A 269 -12.96 -12.03 15.74
CA GLU A 269 -13.22 -13.46 15.90
C GLU A 269 -13.00 -14.20 14.58
N GLY A 270 -13.38 -13.59 13.45
CA GLY A 270 -13.14 -14.23 12.17
C GLY A 270 -11.65 -14.44 11.91
N VAL A 271 -10.82 -13.50 12.35
CA VAL A 271 -9.37 -13.70 12.22
C VAL A 271 -8.92 -14.84 13.12
N ARG A 272 -9.36 -14.84 14.37
CA ARG A 272 -8.93 -15.88 15.30
C ARG A 272 -9.36 -17.27 14.86
N ARG A 273 -10.58 -17.39 14.31
CA ARG A 273 -11.12 -18.65 13.85
C ARG A 273 -10.89 -18.88 12.36
N PHE A 274 -9.90 -18.21 11.81
CA PHE A 274 -9.73 -18.22 10.36
C PHE A 274 -9.59 -19.63 9.81
N ASP A 275 -8.79 -20.49 10.45
CA ASP A 275 -8.51 -21.78 9.85
C ASP A 275 -9.79 -22.60 9.67
N GLU A 276 -10.66 -22.61 10.68
CA GLU A 276 -11.90 -23.38 10.53
C GLU A 276 -12.84 -22.73 9.53
N ILE A 277 -12.83 -21.40 9.43
CA ILE A 277 -13.64 -20.73 8.42
C ILE A 277 -13.15 -21.08 7.02
N LEU A 278 -11.83 -20.99 6.81
CA LEU A 278 -11.25 -21.34 5.51
C LEU A 278 -11.61 -22.77 5.11
N GLU A 279 -11.52 -23.70 6.05
CA GLU A 279 -11.83 -25.11 5.73
C GLU A 279 -13.26 -25.26 5.22
N ALA A 280 -14.20 -24.53 5.80
CA ALA A 280 -15.61 -24.64 5.46
C ALA A 280 -15.97 -23.84 4.22
N SER A 281 -15.16 -22.89 3.82
CA SER A 281 -15.50 -21.96 2.74
C SER A 281 -14.91 -22.42 1.41
N ASP A 282 -15.48 -21.91 0.33
CA ASP A 282 -14.84 -22.05 -0.97
C ASP A 282 -13.72 -21.04 -1.16
N GLY A 283 -13.83 -19.85 -0.57
CA GLY A 283 -12.81 -18.81 -0.65
C GLY A 283 -13.08 -17.78 0.41
N ILE A 284 -12.26 -16.73 0.39
CA ILE A 284 -12.20 -15.75 1.46
C ILE A 284 -12.15 -14.36 0.87
N MET A 285 -12.78 -13.40 1.54
CA MET A 285 -12.54 -11.99 1.29
C MET A 285 -11.95 -11.34 2.52
N VAL A 286 -10.85 -10.62 2.33
CA VAL A 286 -10.28 -9.77 3.37
C VAL A 286 -11.05 -8.45 3.28
N ALA A 287 -12.08 -8.33 4.12
CA ALA A 287 -13.05 -7.24 4.04
C ALA A 287 -12.56 -6.11 4.93
N ARG A 288 -11.64 -5.31 4.38
CA ARG A 288 -10.80 -4.46 5.21
C ARG A 288 -11.54 -3.27 5.82
N GLY A 289 -12.70 -2.92 5.28
CA GLY A 289 -13.44 -1.78 5.79
C GLY A 289 -13.83 -1.98 7.24
N ASP A 290 -14.72 -2.94 7.46
CA ASP A 290 -15.06 -3.29 8.84
C ASP A 290 -13.85 -3.80 9.60
N LEU A 291 -12.99 -4.58 8.95
CA LEU A 291 -11.91 -5.19 9.72
C LEU A 291 -11.04 -4.13 10.39
N GLY A 292 -10.73 -3.05 9.68
CA GLY A 292 -9.90 -1.99 10.18
C GLY A 292 -10.58 -1.03 11.14
N ILE A 293 -11.85 -1.26 11.46
CA ILE A 293 -12.52 -0.61 12.57
C ILE A 293 -12.63 -1.56 13.76
N GLU A 294 -12.89 -2.84 13.46
CA GLU A 294 -13.04 -3.83 14.51
C GLU A 294 -11.70 -4.12 15.19
N ILE A 295 -10.61 -4.11 14.44
CA ILE A 295 -9.27 -4.22 15.02
C ILE A 295 -8.53 -2.93 14.70
N PRO A 296 -7.45 -2.65 15.42
CA PRO A 296 -6.69 -1.43 15.13
C PRO A 296 -6.25 -1.36 13.67
N ALA A 297 -6.34 -0.15 13.11
CA ALA A 297 -6.01 0.01 11.69
C ALA A 297 -4.61 -0.46 11.39
N GLU A 298 -3.68 -0.26 12.31
CA GLU A 298 -2.29 -0.62 12.10
C GLU A 298 -2.06 -2.12 12.06
N LYS A 299 -3.06 -2.93 12.39
CA LYS A 299 -2.91 -4.37 12.37
C LYS A 299 -3.51 -5.01 11.12
N VAL A 300 -4.22 -4.25 10.29
CA VAL A 300 -4.93 -4.86 9.17
C VAL A 300 -3.97 -5.56 8.22
N PHE A 301 -2.80 -4.95 7.96
CA PHE A 301 -1.88 -5.57 6.99
C PHE A 301 -1.42 -6.94 7.47
N LEU A 302 -1.31 -7.16 8.79
CA LEU A 302 -0.95 -8.46 9.32
C LEU A 302 -2.03 -9.47 9.00
N ALA A 303 -3.28 -9.12 9.27
CA ALA A 303 -4.40 -10.00 8.99
C ALA A 303 -4.50 -10.28 7.50
N GLN A 304 -4.29 -9.25 6.66
CA GLN A 304 -4.36 -9.43 5.22
C GLN A 304 -3.31 -10.42 4.74
N LYS A 305 -2.06 -10.21 5.14
CA LYS A 305 -0.99 -11.08 4.68
C LYS A 305 -1.13 -12.49 5.24
N MET A 306 -1.57 -12.61 6.49
CA MET A 306 -1.86 -13.92 7.07
C MET A 306 -2.91 -14.66 6.23
N MET A 307 -4.01 -13.99 5.90
CA MET A 307 -5.10 -14.68 5.22
C MET A 307 -4.74 -15.00 3.78
N ILE A 308 -4.03 -14.08 3.10
CA ILE A 308 -3.62 -14.37 1.74
C ILE A 308 -2.65 -15.54 1.74
N GLY A 309 -1.68 -15.53 2.65
CA GLY A 309 -0.74 -16.65 2.76
C GLY A 309 -1.46 -17.96 2.98
N ARG A 310 -2.40 -17.98 3.93
CA ARG A 310 -3.06 -19.25 4.26
C ARG A 310 -3.98 -19.70 3.14
N CYS A 311 -4.62 -18.77 2.45
CA CYS A 311 -5.42 -19.15 1.29
C CYS A 311 -4.54 -19.68 0.17
N ASN A 312 -3.39 -19.04 -0.07
CA ASN A 312 -2.46 -19.56 -1.07
C ASN A 312 -2.01 -20.97 -0.69
N ARG A 313 -1.71 -21.19 0.59
CA ARG A 313 -1.31 -22.51 1.07
CA ARG A 313 -1.29 -22.53 1.03
C ARG A 313 -2.40 -23.55 0.85
N ALA A 314 -3.67 -23.15 0.99
CA ALA A 314 -4.80 -24.07 0.85
C ALA A 314 -5.29 -24.19 -0.58
N GLY A 315 -4.84 -23.33 -1.49
CA GLY A 315 -5.35 -23.34 -2.84
C GLY A 315 -6.77 -22.85 -2.99
N LYS A 316 -7.21 -21.95 -2.11
CA LYS A 316 -8.56 -21.40 -2.16
C LYS A 316 -8.49 -19.91 -2.47
N PRO A 317 -9.40 -19.38 -3.29
CA PRO A 317 -9.30 -17.97 -3.69
C PRO A 317 -9.42 -17.02 -2.51
N VAL A 318 -8.64 -15.95 -2.60
CA VAL A 318 -8.70 -14.86 -1.62
C VAL A 318 -8.82 -13.53 -2.35
N ILE A 319 -9.74 -12.70 -1.88
CA ILE A 319 -10.02 -11.39 -2.44
C ILE A 319 -9.51 -10.34 -1.47
N CYS A 320 -8.77 -9.37 -1.97
CA CYS A 320 -8.44 -8.19 -1.19
C CYS A 320 -9.45 -7.11 -1.53
N ALA A 321 -10.10 -6.55 -0.50
CA ALA A 321 -11.21 -5.63 -0.69
C ALA A 321 -11.06 -4.38 0.15
N THR A 322 -11.60 -3.29 -0.42
CA THR A 322 -12.09 -2.10 0.29
C THR A 322 -11.07 -0.99 0.39
N GLN A 323 -11.43 0.16 -0.20
CA GLN A 323 -10.64 1.39 -0.18
C GLN A 323 -9.33 1.29 -0.93
N MET A 324 -9.22 0.33 -1.86
CA MET A 324 -7.98 0.17 -2.62
C MET A 324 -7.67 1.40 -3.46
N LEU A 325 -8.69 2.01 -4.08
CA LEU A 325 -8.55 3.21 -4.91
C LEU A 325 -9.51 4.29 -4.46
N GLU A 326 -9.68 4.42 -3.14
CA GLU A 326 -10.80 5.17 -2.56
C GLU A 326 -10.88 6.60 -3.09
N SER A 327 -9.75 7.30 -3.20
CA SER A 327 -9.82 8.70 -3.64
C SER A 327 -10.40 8.84 -5.03
N MET A 328 -10.43 7.75 -5.82
CA MET A 328 -10.99 7.85 -7.17
C MET A 328 -12.52 7.89 -7.18
N ILE A 329 -13.16 7.81 -6.02
CA ILE A 329 -14.58 8.17 -5.97
C ILE A 329 -14.77 9.60 -6.47
N LYS A 330 -13.80 10.48 -6.19
CA LYS A 330 -13.92 11.89 -6.52
C LYS A 330 -12.86 12.41 -7.48
N LYS A 331 -11.73 11.71 -7.64
N LYS A 331 -11.75 11.69 -7.65
CA LYS A 331 -10.63 12.19 -8.45
CA LYS A 331 -10.65 12.19 -8.47
C LYS A 331 -10.34 11.21 -9.59
C LYS A 331 -10.32 11.21 -9.58
N PRO A 332 -9.81 11.69 -10.72
CA PRO A 332 -9.58 10.79 -11.87
C PRO A 332 -8.29 9.99 -11.81
N ARG A 333 -7.45 10.20 -10.81
CA ARG A 333 -6.20 9.50 -10.61
C ARG A 333 -6.11 9.12 -9.15
N PRO A 334 -5.47 8.00 -8.82
CA PRO A 334 -5.40 7.57 -7.43
C PRO A 334 -4.24 8.22 -6.71
N THR A 335 -4.26 8.09 -5.39
CA THR A 335 -3.11 8.53 -4.60
C THR A 335 -1.96 7.53 -4.73
N ARG A 336 -0.79 7.94 -4.25
CA ARG A 336 0.36 7.05 -4.30
C ARG A 336 0.18 5.86 -3.37
N ALA A 337 -0.50 6.04 -2.23
CA ALA A 337 -0.77 4.90 -1.35
C ALA A 337 -1.71 3.91 -2.00
N GLU A 338 -2.66 4.39 -2.78
CA GLU A 338 -3.62 3.52 -3.45
C GLU A 338 -2.94 2.70 -4.54
N GLY A 339 -2.07 3.32 -5.34
CA GLY A 339 -1.31 2.56 -6.32
C GLY A 339 -0.52 1.46 -5.65
N SER A 340 0.15 1.80 -4.55
CA SER A 340 0.95 0.83 -3.81
C SER A 340 0.09 -0.30 -3.25
N ASP A 341 -1.08 0.05 -2.70
CA ASP A 341 -1.93 -0.96 -2.09
C ASP A 341 -2.37 -2.01 -3.11
N VAL A 342 -2.77 -1.59 -4.30
CA VAL A 342 -3.19 -2.55 -5.31
C VAL A 342 -2.01 -3.44 -5.68
N ALA A 343 -0.85 -2.84 -5.94
CA ALA A 343 0.31 -3.65 -6.32
C ALA A 343 0.66 -4.63 -5.23
N ASN A 344 0.68 -4.19 -3.98
CA ASN A 344 1.10 -5.07 -2.91
C ASN A 344 0.08 -6.16 -2.63
N ALA A 345 -1.21 -5.93 -2.90
CA ALA A 345 -2.17 -7.02 -2.76
C ALA A 345 -1.85 -8.14 -3.73
N VAL A 346 -1.51 -7.78 -4.96
CA VAL A 346 -1.11 -8.76 -5.96
C VAL A 346 0.19 -9.45 -5.54
N LEU A 347 1.20 -8.67 -5.13
CA LEU A 347 2.46 -9.29 -4.69
C LEU A 347 2.27 -10.17 -3.47
N ASP A 348 1.33 -9.82 -2.58
CA ASP A 348 1.06 -10.66 -1.42
C ASP A 348 0.54 -12.03 -1.86
N GLY A 349 -0.20 -12.07 -2.97
CA GLY A 349 -0.81 -13.31 -3.43
C GLY A 349 -2.32 -13.28 -3.63
N ALA A 350 -2.96 -12.12 -3.59
CA ALA A 350 -4.41 -12.09 -3.70
C ALA A 350 -4.87 -12.58 -5.06
N ASP A 351 -5.88 -13.45 -5.08
CA ASP A 351 -6.42 -13.91 -6.35
C ASP A 351 -7.17 -12.81 -7.07
N CYS A 352 -7.93 -12.00 -6.32
CA CYS A 352 -8.75 -10.94 -6.86
C CYS A 352 -8.56 -9.69 -6.03
N ILE A 353 -8.84 -8.56 -6.67
CA ILE A 353 -8.92 -7.26 -6.05
C ILE A 353 -10.30 -6.69 -6.35
N MET A 354 -10.71 -5.73 -5.53
CA MET A 354 -12.10 -5.30 -5.54
C MET A 354 -12.20 -3.77 -5.49
N LEU A 355 -13.30 -3.29 -6.05
CA LEU A 355 -13.71 -1.91 -6.00
C LEU A 355 -15.11 -1.85 -5.41
N SER A 356 -15.34 -0.87 -4.53
CA SER A 356 -16.62 -0.72 -3.87
C SER A 356 -17.18 0.63 -4.29
N GLY A 357 -17.06 1.67 -3.46
CA GLY A 357 -17.59 2.97 -3.82
C GLY A 357 -17.02 3.50 -5.12
N GLU A 358 -15.77 3.14 -5.43
CA GLU A 358 -15.15 3.63 -6.65
C GLU A 358 -15.96 3.30 -7.90
N THR A 359 -16.62 2.13 -7.93
CA THR A 359 -17.48 1.78 -9.06
C THR A 359 -18.96 1.90 -8.77
N ALA A 360 -19.37 1.77 -7.51
CA ALA A 360 -20.79 1.80 -7.20
C ALA A 360 -21.35 3.21 -7.25
N LYS A 361 -20.59 4.20 -6.78
CA LYS A 361 -21.13 5.53 -6.52
C LYS A 361 -20.25 6.66 -7.03
N GLY A 362 -19.01 6.41 -7.43
CA GLY A 362 -18.09 7.48 -7.72
C GLY A 362 -18.23 8.07 -9.11
N ASP A 363 -17.42 9.10 -9.33
CA ASP A 363 -17.43 9.88 -10.55
C ASP A 363 -16.53 9.32 -11.64
N TYR A 364 -15.72 8.30 -11.32
CA TYR A 364 -14.74 7.79 -12.26
C TYR A 364 -14.72 6.26 -12.24
N PRO A 365 -15.86 5.61 -12.39
CA PRO A 365 -15.85 4.14 -12.29
C PRO A 365 -14.97 3.47 -13.32
N LEU A 366 -15.01 3.91 -14.57
CA LEU A 366 -14.21 3.24 -15.59
C LEU A 366 -12.73 3.43 -15.33
N GLU A 367 -12.34 4.65 -14.92
CA GLU A 367 -10.94 4.92 -14.62
C GLU A 367 -10.45 4.03 -13.49
N ALA A 368 -11.30 3.78 -12.51
CA ALA A 368 -10.90 2.92 -11.40
C ALA A 368 -10.67 1.49 -11.85
N VAL A 369 -11.57 0.94 -12.67
CA VAL A 369 -11.37 -0.38 -13.22
C VAL A 369 -10.07 -0.43 -14.03
N ARG A 370 -9.87 0.55 -14.90
CA ARG A 370 -8.69 0.58 -15.75
C ARG A 370 -7.42 0.64 -14.94
N MET A 371 -7.42 1.40 -13.85
CA MET A 371 -6.23 1.51 -13.02
C MET A 371 -5.93 0.20 -12.29
N GLN A 372 -6.96 -0.48 -11.79
CA GLN A 372 -6.71 -1.80 -11.20
C GLN A 372 -6.11 -2.75 -12.25
N HIS A 373 -6.59 -2.69 -13.48
CA HIS A 373 -6.05 -3.54 -14.52
C HIS A 373 -4.58 -3.24 -14.76
N LEU A 374 -4.25 -1.96 -14.89
CA LEU A 374 -2.87 -1.57 -15.17
C LEU A 374 -1.94 -1.98 -14.05
N ILE A 375 -2.33 -1.69 -12.80
CA ILE A 375 -1.45 -2.00 -11.67
C ILE A 375 -1.29 -3.50 -11.54
N ALA A 376 -2.38 -4.25 -11.63
CA ALA A 376 -2.27 -5.69 -11.47
C ALA A 376 -1.32 -6.29 -12.50
N ARG A 377 -1.40 -5.85 -13.76
CA ARG A 377 -0.49 -6.41 -14.75
C ARG A 377 0.97 -6.12 -14.41
N GLU A 378 1.27 -4.89 -13.98
CA GLU A 378 2.64 -4.56 -13.62
C GLU A 378 3.10 -5.41 -12.44
N ALA A 379 2.23 -5.57 -11.44
CA ALA A 379 2.62 -6.29 -10.24
C ALA A 379 2.80 -7.78 -10.52
N GLU A 380 1.94 -8.34 -11.39
CA GLU A 380 2.06 -9.75 -11.71
C GLU A 380 3.44 -10.07 -12.30
N ALA A 381 4.00 -9.16 -13.09
CA ALA A 381 5.31 -9.39 -13.66
C ALA A 381 6.40 -9.29 -12.60
N ALA A 382 6.16 -8.50 -11.55
CA ALA A 382 7.16 -8.28 -10.50
C ALA A 382 7.18 -9.37 -9.44
N ILE A 383 6.22 -10.29 -9.44
CA ILE A 383 6.26 -11.38 -8.50
C ILE A 383 7.56 -12.16 -8.66
N TYR A 384 8.14 -12.56 -7.54
CA TYR A 384 9.36 -13.36 -7.55
C TYR A 384 8.97 -14.83 -7.61
N HIS A 385 8.62 -15.28 -8.81
CA HIS A 385 8.13 -16.64 -8.98
C HIS A 385 9.15 -17.69 -8.56
N LEU A 386 10.43 -17.42 -8.73
CA LEU A 386 11.44 -18.42 -8.36
C LEU A 386 11.25 -18.87 -6.92
N GLN A 387 11.07 -17.93 -6.00
CA GLN A 387 10.86 -18.30 -4.61
C GLN A 387 9.44 -18.79 -4.36
N LEU A 388 8.45 -18.11 -4.92
CA LEU A 388 7.06 -18.47 -4.66
C LEU A 388 6.76 -19.91 -5.09
N PHE A 389 7.18 -20.28 -6.30
CA PHE A 389 6.89 -21.62 -6.79
C PHE A 389 7.62 -22.66 -5.95
N GLU A 390 8.86 -22.40 -5.57
CA GLU A 390 9.57 -23.34 -4.71
C GLU A 390 8.82 -23.55 -3.39
N GLU A 391 8.34 -22.46 -2.80
CA GLU A 391 7.69 -22.59 -1.49
C GLU A 391 6.33 -23.28 -1.62
N LEU A 392 5.57 -22.95 -2.66
CA LEU A 392 4.28 -23.62 -2.83
C LEU A 392 4.47 -25.11 -3.00
N ARG A 393 5.50 -25.51 -3.75
CA ARG A 393 5.77 -26.94 -3.92
C ARG A 393 6.18 -27.57 -2.60
N ARG A 394 7.14 -26.98 -1.89
CA ARG A 394 7.63 -27.61 -0.68
C ARG A 394 6.52 -27.76 0.35
N LEU A 395 5.59 -26.83 0.38
CA LEU A 395 4.52 -26.82 1.36
C LEU A 395 3.32 -27.64 0.89
N ALA A 396 3.41 -28.26 -0.30
CA ALA A 396 2.34 -29.02 -0.92
C ALA A 396 2.56 -30.51 -0.66
N PRO A 397 1.60 -31.21 -0.09
CA PRO A 397 1.82 -32.61 0.29
C PRO A 397 1.99 -33.54 -0.90
N ILE A 398 2.83 -34.55 -0.71
CA ILE A 398 2.82 -35.71 -1.59
C ILE A 398 1.47 -36.39 -1.44
N THR A 399 0.83 -36.70 -2.56
CA THR A 399 -0.38 -37.50 -2.51
C THR A 399 -0.36 -38.46 -3.68
N SER A 400 -1.25 -39.43 -3.62
CA SER A 400 -1.42 -40.35 -4.73
C SER A 400 -2.36 -39.79 -5.77
N ASP A 401 -2.80 -38.54 -5.63
CA ASP A 401 -3.77 -38.02 -6.57
C ASP A 401 -3.06 -37.73 -7.88
N PRO A 402 -3.31 -38.48 -8.94
CA PRO A 402 -2.58 -38.22 -10.19
C PRO A 402 -2.84 -36.85 -10.74
N THR A 403 -4.02 -36.26 -10.49
CA THR A 403 -4.34 -34.97 -11.07
C THR A 403 -3.49 -33.86 -10.44
N GLU A 404 -3.14 -33.99 -9.16
CA GLU A 404 -2.27 -33.02 -8.52
CA GLU A 404 -2.26 -33.03 -8.51
C GLU A 404 -0.85 -33.11 -9.09
N ALA A 405 -0.40 -34.32 -9.41
CA ALA A 405 0.92 -34.47 -10.01
C ALA A 405 0.95 -33.88 -11.41
N THR A 406 -0.12 -34.06 -12.17
CA THR A 406 -0.23 -33.42 -13.47
C THR A 406 -0.16 -31.91 -13.35
N ALA A 407 -0.90 -31.32 -12.40
CA ALA A 407 -0.94 -29.86 -12.29
C ALA A 407 0.43 -29.29 -11.96
N VAL A 408 1.12 -29.89 -10.98
CA VAL A 408 2.42 -29.34 -10.62
C VAL A 408 3.41 -29.57 -11.74
N GLY A 409 3.31 -30.71 -12.42
CA GLY A 409 4.18 -30.94 -13.57
C GLY A 409 3.96 -29.93 -14.68
N ALA A 410 2.70 -29.57 -14.92
CA ALA A 410 2.38 -28.59 -15.95
C ALA A 410 2.92 -27.21 -15.59
N VAL A 411 2.81 -26.81 -14.34
CA VAL A 411 3.33 -25.51 -13.95
C VAL A 411 4.85 -25.52 -14.01
N GLU A 412 5.47 -26.61 -13.56
CA GLU A 412 6.92 -26.75 -13.69
C GLU A 412 7.33 -26.62 -15.14
N ALA A 413 6.65 -27.34 -16.02
CA ALA A 413 6.96 -27.28 -17.45
C ALA A 413 6.77 -25.87 -17.97
N SER A 414 5.74 -25.17 -17.50
CA SER A 414 5.47 -23.81 -17.97
CA SER A 414 5.47 -23.82 -17.99
C SER A 414 6.60 -22.88 -17.64
N PHE A 415 7.18 -23.01 -16.45
CA PHE A 415 8.32 -22.19 -16.09
C PHE A 415 9.55 -22.61 -16.90
N LYS A 416 9.71 -23.90 -17.14
N LYS A 416 9.73 -23.90 -17.11
CA LYS A 416 10.91 -24.39 -17.81
CA LYS A 416 10.93 -24.37 -17.81
C LYS A 416 11.03 -23.87 -19.24
C LYS A 416 11.00 -23.79 -19.22
N CYS A 417 9.90 -23.79 -19.95
CA CYS A 417 9.90 -23.32 -21.32
C CYS A 417 9.36 -21.91 -21.48
N CYS A 418 9.09 -21.20 -20.38
CA CYS A 418 8.53 -19.85 -20.43
CA CYS A 418 8.54 -19.85 -20.45
C CYS A 418 7.32 -19.81 -21.36
N SER A 419 6.37 -20.68 -21.05
CA SER A 419 5.26 -20.89 -21.97
CA SER A 419 5.22 -20.92 -21.92
C SER A 419 4.36 -19.67 -22.06
N GLY A 420 3.68 -19.56 -23.21
CA GLY A 420 2.72 -18.49 -23.40
C GLY A 420 1.39 -18.68 -22.69
N ALA A 421 1.08 -19.89 -22.28
CA ALA A 421 -0.18 -20.16 -21.60
C ALA A 421 -0.19 -21.60 -21.17
N ILE A 422 -1.05 -21.88 -20.21
CA ILE A 422 -1.46 -23.24 -19.88
C ILE A 422 -2.93 -23.34 -20.24
N ILE A 423 -3.24 -24.12 -21.25
CA ILE A 423 -4.61 -24.33 -21.70
C ILE A 423 -5.14 -25.53 -20.95
N VAL A 424 -6.33 -25.39 -20.35
CA VAL A 424 -6.92 -26.45 -19.53
CA VAL A 424 -6.91 -26.45 -19.54
C VAL A 424 -8.37 -26.64 -19.94
N LEU A 425 -8.72 -27.87 -20.31
CA LEU A 425 -10.10 -28.23 -20.63
C LEU A 425 -10.77 -28.68 -19.33
N THR A 426 -11.80 -27.95 -18.90
CA THR A 426 -12.39 -28.21 -17.59
C THR A 426 -13.90 -28.05 -17.64
N LYS A 427 -14.59 -28.97 -16.98
CA LYS A 427 -16.04 -28.92 -16.85
C LYS A 427 -16.46 -28.16 -15.60
N SER A 428 -15.90 -28.55 -14.45
CA SER A 428 -16.26 -27.96 -13.17
C SER A 428 -15.34 -26.84 -12.74
N GLY A 429 -14.21 -26.67 -13.42
CA GLY A 429 -13.17 -25.76 -13.00
C GLY A 429 -12.02 -26.42 -12.27
N ARG A 430 -12.23 -27.61 -11.71
CA ARG A 430 -11.26 -28.20 -10.79
C ARG A 430 -9.85 -28.27 -11.38
N TYR A 431 -9.70 -28.82 -12.58
CA TYR A 431 -8.37 -28.99 -13.14
C TYR A 431 -7.68 -27.64 -13.26
N ALA A 432 -8.43 -26.58 -13.59
CA ALA A 432 -7.81 -25.26 -13.70
C ALA A 432 -7.44 -24.70 -12.34
N HIS A 433 -8.26 -24.97 -11.30
CA HIS A 433 -7.92 -24.56 -9.94
C HIS A 433 -6.62 -25.20 -9.50
N GLN A 434 -6.41 -26.47 -9.89
CA GLN A 434 -5.23 -27.19 -9.44
C GLN A 434 -3.96 -26.58 -10.02
N VAL A 435 -4.02 -26.09 -11.26
CA VAL A 435 -2.89 -25.39 -11.86
C VAL A 435 -2.69 -24.04 -11.18
N ALA A 436 -3.79 -23.31 -10.97
CA ALA A 436 -3.70 -21.94 -10.44
C ALA A 436 -3.03 -21.91 -9.08
N ARG A 437 -3.20 -22.96 -8.28
CA ARG A 437 -2.63 -22.92 -6.94
C ARG A 437 -1.11 -22.92 -6.94
N TYR A 438 -0.48 -23.33 -8.03
CA TYR A 438 0.97 -23.29 -8.12
C TYR A 438 1.49 -21.99 -8.73
N ARG A 439 0.57 -21.09 -9.05
CA ARG A 439 0.86 -19.72 -9.41
CA ARG A 439 0.90 -19.71 -9.39
C ARG A 439 1.85 -19.58 -10.58
N PRO A 440 1.53 -20.17 -11.72
CA PRO A 440 2.35 -19.92 -12.90
C PRO A 440 2.36 -18.46 -13.30
N ARG A 441 3.45 -18.06 -13.95
CA ARG A 441 3.46 -16.75 -14.59
CA ARG A 441 3.48 -16.76 -14.60
C ARG A 441 2.53 -16.73 -15.80
N ALA A 442 2.50 -17.82 -16.56
CA ALA A 442 1.72 -17.87 -17.78
C ALA A 442 0.22 -17.89 -17.47
N PRO A 443 -0.59 -17.21 -18.29
CA PRO A 443 -2.05 -17.27 -18.09
C PRO A 443 -2.58 -18.67 -18.31
N ILE A 444 -3.64 -18.99 -17.58
CA ILE A 444 -4.33 -20.27 -17.65
C ILE A 444 -5.62 -20.05 -18.44
N ILE A 445 -5.68 -20.54 -19.66
CA ILE A 445 -6.88 -20.41 -20.48
C ILE A 445 -7.72 -21.63 -20.18
N ALA A 446 -8.83 -21.44 -19.45
CA ALA A 446 -9.69 -22.53 -19.04
C ALA A 446 -10.87 -22.58 -19.98
N VAL A 447 -10.92 -23.64 -20.79
CA VAL A 447 -11.98 -23.82 -21.77
C VAL A 447 -13.02 -24.71 -21.14
N THR A 448 -14.26 -24.22 -21.11
CA THR A 448 -15.37 -24.97 -20.55
C THR A 448 -16.59 -24.77 -21.43
N ARG A 449 -17.49 -25.73 -21.39
CA ARG A 449 -18.83 -25.55 -21.94
C ARG A 449 -19.85 -25.19 -20.87
N ASN A 450 -19.45 -25.16 -19.61
CA ASN A 450 -20.37 -24.90 -18.51
C ASN A 450 -20.38 -23.40 -18.22
N PRO A 451 -21.48 -22.69 -18.49
CA PRO A 451 -21.45 -21.22 -18.31
C PRO A 451 -21.18 -20.77 -16.89
N GLN A 452 -21.64 -21.53 -15.90
CA GLN A 452 -21.39 -21.16 -14.51
C GLN A 452 -19.93 -21.35 -14.15
N THR A 453 -19.31 -22.45 -14.60
CA THR A 453 -17.86 -22.59 -14.43
C THR A 453 -17.14 -21.40 -15.04
N ALA A 454 -17.53 -21.01 -16.25
CA ALA A 454 -16.85 -19.91 -16.92
C ALA A 454 -16.91 -18.64 -16.10
N ARG A 455 -18.02 -18.42 -15.39
CA ARG A 455 -18.15 -17.23 -14.55
C ARG A 455 -17.36 -17.38 -13.24
N GLN A 456 -17.47 -18.52 -12.58
CA GLN A 456 -16.89 -18.69 -11.25
C GLN A 456 -15.38 -18.75 -11.31
N ALA A 457 -14.82 -19.23 -12.43
CA ALA A 457 -13.39 -19.50 -12.49
C ALA A 457 -12.58 -18.22 -12.42
N HIS A 458 -13.20 -17.06 -12.62
CA HIS A 458 -12.51 -15.79 -12.46
C HIS A 458 -11.91 -15.63 -11.09
N LEU A 459 -12.44 -16.32 -10.08
CA LEU A 459 -11.98 -16.13 -8.72
C LEU A 459 -10.53 -16.56 -8.52
N TYR A 460 -9.97 -17.37 -9.39
CA TYR A 460 -8.59 -17.87 -9.22
C TYR A 460 -7.61 -17.04 -10.04
N ARG A 461 -6.53 -16.63 -9.37
CA ARG A 461 -5.44 -15.96 -10.06
C ARG A 461 -5.02 -16.75 -11.28
N GLY A 462 -4.91 -16.07 -12.41
CA GLY A 462 -4.38 -16.66 -13.61
C GLY A 462 -5.41 -17.28 -14.52
N ILE A 463 -6.59 -17.61 -14.01
CA ILE A 463 -7.56 -18.27 -14.88
C ILE A 463 -8.27 -17.23 -15.72
N PHE A 464 -8.21 -17.43 -17.03
CA PHE A 464 -8.88 -16.64 -18.04
C PHE A 464 -9.91 -17.59 -18.62
N PRO A 465 -11.16 -17.53 -18.16
CA PRO A 465 -12.15 -18.54 -18.59
C PRO A 465 -12.74 -18.17 -19.93
N VAL A 466 -12.93 -19.17 -20.77
CA VAL A 466 -13.56 -18.98 -22.07
C VAL A 466 -14.64 -20.04 -22.25
N LEU A 467 -15.74 -19.65 -22.84
CA LEU A 467 -16.93 -20.47 -22.91
C LEU A 467 -17.11 -20.97 -24.34
N CYS A 468 -16.88 -22.25 -24.52
CA CYS A 468 -17.04 -22.87 -25.82
C CYS A 468 -18.52 -23.16 -26.05
N LYS A 469 -19.02 -22.78 -27.23
CA LYS A 469 -20.42 -22.93 -27.56
C LYS A 469 -20.66 -23.96 -28.65
N ASP A 470 -19.60 -24.62 -29.11
CA ASP A 470 -19.76 -25.61 -30.16
C ASP A 470 -20.39 -26.87 -29.59
N PRO A 471 -21.22 -27.57 -30.38
CA PRO A 471 -21.76 -28.84 -29.90
C PRO A 471 -20.65 -29.84 -29.61
N VAL A 472 -20.93 -30.76 -28.69
CA VAL A 472 -20.01 -31.83 -28.40
C VAL A 472 -19.90 -32.73 -29.62
N GLN A 473 -18.67 -33.06 -30.01
CA GLN A 473 -18.46 -33.99 -31.10
C GLN A 473 -18.46 -35.41 -30.54
N GLU A 474 -18.95 -36.35 -31.36
CA GLU A 474 -19.07 -37.73 -30.89
C GLU A 474 -17.71 -38.35 -30.62
N ALA A 475 -16.73 -38.07 -31.46
CA ALA A 475 -15.37 -38.57 -31.27
C ALA A 475 -14.66 -37.71 -30.24
N TRP A 476 -14.26 -38.33 -29.12
CA TRP A 476 -13.65 -37.56 -28.03
C TRP A 476 -12.42 -36.78 -28.51
N ALA A 477 -11.55 -37.44 -29.28
CA ALA A 477 -10.35 -36.75 -29.76
C ALA A 477 -10.71 -35.55 -30.62
N GLU A 478 -11.74 -35.66 -31.46
CA GLU A 478 -12.15 -34.52 -32.25
C GLU A 478 -12.71 -33.42 -31.37
N ASP A 479 -13.40 -33.80 -30.30
CA ASP A 479 -13.98 -32.79 -29.40
C ASP A 479 -12.90 -32.06 -28.62
N VAL A 480 -11.87 -32.80 -28.19
CA VAL A 480 -10.70 -32.18 -27.58
C VAL A 480 -10.05 -31.20 -28.55
N ASP A 481 -9.80 -31.64 -29.78
CA ASP A 481 -9.12 -30.77 -30.74
C ASP A 481 -9.92 -29.49 -30.97
N LEU A 482 -11.24 -29.60 -31.03
CA LEU A 482 -12.08 -28.42 -31.19
C LEU A 482 -11.88 -27.43 -30.05
N ARG A 483 -11.87 -27.93 -28.81
CA ARG A 483 -11.72 -27.05 -27.66
C ARG A 483 -10.31 -26.48 -27.57
N VAL A 484 -9.29 -27.28 -27.92
CA VAL A 484 -7.93 -26.76 -27.89
C VAL A 484 -7.75 -25.68 -28.96
N ASN A 485 -8.28 -25.91 -30.16
CA ASN A 485 -8.21 -24.92 -31.23
C ASN A 485 -8.89 -23.63 -30.80
N PHE A 486 -10.02 -23.76 -30.10
CA PHE A 486 -10.72 -22.59 -29.58
C PHE A 486 -9.80 -21.79 -28.66
N ALA A 487 -9.11 -22.48 -27.73
CA ALA A 487 -8.17 -21.79 -26.85
C ALA A 487 -7.02 -21.17 -27.62
N MET A 488 -6.50 -21.86 -28.64
CA MET A 488 -5.43 -21.28 -29.46
C MET A 488 -5.92 -19.99 -30.12
N ASN A 489 -7.15 -20.00 -30.63
CA ASN A 489 -7.70 -18.80 -31.27
C ASN A 489 -7.90 -17.68 -30.25
N VAL A 490 -8.34 -18.01 -29.05
CA VAL A 490 -8.48 -17.00 -28.00
C VAL A 490 -7.14 -16.35 -27.72
N GLY A 491 -6.12 -17.16 -27.45
CA GLY A 491 -4.85 -16.59 -27.07
C GLY A 491 -4.23 -15.75 -28.17
N LYS A 492 -4.37 -16.19 -29.42
CA LYS A 492 -3.89 -15.38 -30.54
C LYS A 492 -4.69 -14.09 -30.67
N ALA A 493 -6.02 -14.18 -30.61
CA ALA A 493 -6.85 -13.00 -30.79
C ALA A 493 -6.64 -11.99 -29.67
N ARG A 494 -6.40 -12.48 -28.46
CA ARG A 494 -6.23 -11.64 -27.28
CA ARG A 494 -6.25 -11.59 -27.32
C ARG A 494 -4.80 -11.18 -27.08
N GLY A 495 -3.86 -11.64 -27.90
CA GLY A 495 -2.48 -11.21 -27.78
C GLY A 495 -1.69 -11.89 -26.70
N PHE A 496 -2.15 -13.05 -26.21
CA PHE A 496 -1.38 -13.74 -25.20
C PHE A 496 -0.19 -14.48 -25.81
N PHE A 497 -0.33 -14.95 -27.04
CA PHE A 497 0.74 -15.69 -27.70
C PHE A 497 0.51 -15.61 -29.20
N LYS A 498 1.52 -16.04 -29.94
CA LYS A 498 1.51 -16.03 -31.39
C LYS A 498 1.84 -17.42 -31.92
N LYS A 499 1.51 -17.65 -33.19
CA LYS A 499 1.90 -18.87 -33.87
C LYS A 499 3.39 -19.13 -33.62
N GLY A 500 3.71 -20.38 -33.28
CA GLY A 500 5.07 -20.79 -33.03
C GLY A 500 5.53 -20.71 -31.59
N ASP A 501 4.82 -19.97 -30.75
CA ASP A 501 5.15 -19.95 -29.32
C ASP A 501 4.83 -21.31 -28.71
N VAL A 502 5.41 -21.58 -27.57
CA VAL A 502 5.19 -22.84 -26.87
C VAL A 502 4.11 -22.62 -25.81
N VAL A 503 3.16 -23.55 -25.75
CA VAL A 503 2.11 -23.53 -24.73
C VAL A 503 1.99 -24.93 -24.14
N ILE A 504 1.39 -25.01 -22.96
CA ILE A 504 1.08 -26.27 -22.29
C ILE A 504 -0.41 -26.50 -22.48
N VAL A 505 -0.79 -27.74 -22.79
CA VAL A 505 -2.19 -28.12 -22.97
C VAL A 505 -2.52 -29.30 -22.07
N LEU A 506 -3.57 -29.16 -21.28
CA LEU A 506 -4.09 -30.19 -20.39
C LEU A 506 -5.48 -30.53 -20.90
N THR A 507 -5.66 -31.75 -21.41
CA THR A 507 -6.86 -32.02 -22.21
C THR A 507 -8.06 -32.49 -21.41
N GLY A 508 -7.96 -32.56 -20.10
CA GLY A 508 -9.15 -32.71 -19.28
C GLY A 508 -9.63 -34.14 -19.23
N TRP A 509 -10.90 -34.28 -18.85
CA TRP A 509 -11.48 -35.59 -18.56
C TRP A 509 -11.58 -36.44 -19.82
N ARG A 510 -11.17 -37.70 -19.72
CA ARG A 510 -11.17 -38.64 -20.83
C ARG A 510 -12.02 -39.84 -20.42
N PRO A 511 -13.14 -40.14 -21.09
CA PRO A 511 -13.97 -41.28 -20.68
C PRO A 511 -13.24 -42.63 -20.72
N PHE A 515 -6.12 -43.00 -16.97
CA PHE A 515 -5.47 -41.70 -16.78
C PHE A 515 -6.40 -40.58 -17.24
N THR A 516 -6.16 -39.37 -16.73
CA THR A 516 -6.94 -38.22 -17.10
C THR A 516 -6.03 -37.00 -17.21
N ASN A 517 -6.51 -35.99 -17.93
CA ASN A 517 -5.82 -34.69 -18.01
C ASN A 517 -4.37 -34.86 -18.49
N THR A 518 -4.21 -35.57 -19.60
CA THR A 518 -2.92 -35.65 -20.28
C THR A 518 -2.34 -34.25 -20.50
N MET A 519 -1.02 -34.13 -20.39
CA MET A 519 -0.30 -32.89 -20.65
C MET A 519 0.47 -33.01 -21.96
N ARG A 520 0.39 -31.97 -22.79
CA ARG A 520 1.21 -31.85 -23.98
C ARG A 520 1.85 -30.47 -23.99
N VAL A 521 3.10 -30.40 -24.43
CA VAL A 521 3.82 -29.14 -24.59
C VAL A 521 4.01 -28.96 -26.09
N VAL A 522 3.33 -27.99 -26.67
CA VAL A 522 3.24 -27.88 -28.13
C VAL A 522 3.49 -26.47 -28.62
N PRO A 523 3.92 -26.31 -29.86
CA PRO A 523 3.94 -24.98 -30.49
C PRO A 523 2.53 -24.59 -30.89
N VAL A 524 2.28 -23.29 -30.85
CA VAL A 524 0.97 -22.77 -31.24
C VAL A 524 0.83 -22.90 -32.75
N PRO A 525 -0.20 -23.56 -33.27
CA PRO A 525 -0.40 -23.69 -34.70
C PRO A 525 -0.96 -22.43 -35.34
N ILE B 7 0.66 -14.86 20.73
CA ILE B 7 1.21 -15.85 21.64
C ILE B 7 2.61 -15.41 22.07
N GLN B 8 3.61 -15.73 21.24
CA GLN B 8 4.89 -15.06 21.35
C GLN B 8 4.75 -13.64 20.81
N THR B 9 5.33 -12.70 21.51
CA THR B 9 5.28 -11.31 21.13
C THR B 9 6.12 -11.09 19.87
N GLN B 10 6.03 -9.88 19.33
CA GLN B 10 6.97 -9.39 18.31
C GLN B 10 6.98 -10.24 17.04
N GLN B 11 5.87 -10.92 16.75
CA GLN B 11 5.81 -11.84 15.60
C GLN B 11 6.96 -12.84 15.61
N LEU B 12 7.35 -13.29 16.80
CA LEU B 12 8.47 -14.22 16.84
C LEU B 12 8.11 -15.59 16.28
N HIS B 13 6.84 -15.99 16.33
CA HIS B 13 6.47 -17.26 15.69
C HIS B 13 6.68 -17.17 14.18
N ALA B 14 6.20 -16.09 13.56
CA ALA B 14 6.45 -15.87 12.14
C ALA B 14 7.93 -15.72 11.83
N ALA B 15 8.71 -15.19 12.78
CA ALA B 15 10.14 -15.00 12.57
C ALA B 15 10.86 -16.33 12.36
N MET B 16 10.34 -17.41 12.96
CA MET B 16 10.98 -18.71 12.92
CA MET B 16 10.98 -18.72 12.93
C MET B 16 10.57 -19.56 11.72
N ALA B 17 9.67 -19.07 10.87
CA ALA B 17 9.25 -19.87 9.72
C ALA B 17 10.42 -20.14 8.79
N ASP B 18 10.36 -21.29 8.11
CA ASP B 18 11.41 -21.71 7.20
C ASP B 18 11.20 -21.22 5.78
N THR B 19 10.02 -20.67 5.47
CA THR B 19 9.72 -20.11 4.16
C THR B 19 9.05 -18.77 4.36
N PHE B 20 9.16 -17.92 3.34
CA PHE B 20 8.44 -16.65 3.37
C PHE B 20 6.93 -16.86 3.41
N LEU B 21 6.44 -17.84 2.65
CA LEU B 21 5.00 -18.10 2.65
C LEU B 21 4.51 -18.46 4.05
N GLU B 22 5.22 -19.36 4.74
CA GLU B 22 4.80 -19.70 6.10
C GLU B 22 5.00 -18.53 7.04
N HIS B 23 6.04 -17.72 6.82
CA HIS B 23 6.17 -16.47 7.58
C HIS B 23 4.89 -15.64 7.51
N MET B 24 4.36 -15.43 6.31
CA MET B 24 3.13 -14.68 6.18
CA MET B 24 3.11 -14.68 6.16
C MET B 24 1.98 -15.37 6.91
N CYS B 25 1.86 -16.70 6.74
CA CYS B 25 0.78 -17.46 7.35
C CYS B 25 0.76 -17.31 8.86
N ARG B 26 1.92 -17.04 9.46
CA ARG B 26 2.03 -16.98 10.91
C ARG B 26 1.86 -15.57 11.48
N LEU B 27 1.73 -14.56 10.65
CA LEU B 27 1.55 -13.21 11.18
C LEU B 27 0.28 -13.16 12.02
N ASP B 28 0.39 -12.52 13.19
CA ASP B 28 -0.61 -12.69 14.24
C ASP B 28 -0.99 -11.32 14.80
N ILE B 29 -2.22 -10.88 14.55
CA ILE B 29 -2.67 -9.60 15.10
C ILE B 29 -2.65 -9.56 16.61
N ASP B 30 -2.57 -10.72 17.27
CA ASP B 30 -2.55 -10.79 18.72
C ASP B 30 -1.14 -10.95 19.28
N SER B 31 -0.11 -10.78 18.45
CA SER B 31 1.26 -10.81 18.90
C SER B 31 1.75 -9.38 18.99
N PRO B 32 1.89 -8.81 20.18
CA PRO B 32 2.11 -7.36 20.27
C PRO B 32 3.56 -7.01 20.01
N PRO B 33 3.83 -5.87 19.38
CA PRO B 33 5.21 -5.47 19.10
C PRO B 33 5.93 -4.97 20.35
N ILE B 34 7.26 -4.81 20.22
CA ILE B 34 8.10 -4.18 21.23
C ILE B 34 7.78 -2.70 21.32
N THR B 35 8.31 -2.05 22.35
CA THR B 35 8.08 -0.62 22.53
C THR B 35 8.79 0.20 21.46
N ALA B 36 10.03 -0.16 21.14
CA ALA B 36 10.86 0.67 20.28
C ALA B 36 10.38 0.65 18.84
N ARG B 37 10.37 1.80 18.20
CA ARG B 37 10.03 1.98 16.79
C ARG B 37 11.28 2.43 16.04
N ASN B 38 11.68 1.64 15.04
CA ASN B 38 12.96 1.74 14.33
C ASN B 38 12.93 2.72 13.16
N THR B 39 11.76 2.93 12.55
CA THR B 39 11.63 3.70 11.32
C THR B 39 11.40 5.16 11.65
N GLY B 40 12.29 6.02 11.16
CA GLY B 40 12.15 7.43 11.41
C GLY B 40 10.93 8.01 10.73
N ILE B 41 10.32 8.98 11.40
CA ILE B 41 9.14 9.69 10.91
C ILE B 41 9.52 11.13 10.62
N ILE B 42 9.33 11.54 9.37
CA ILE B 42 9.65 12.88 8.89
C ILE B 42 8.35 13.61 8.67
N CYS B 43 8.21 14.78 9.27
CA CYS B 43 6.95 15.53 9.22
C CYS B 43 7.17 16.89 8.59
N THR B 44 6.38 17.20 7.58
CA THR B 44 6.43 18.53 6.97
C THR B 44 5.70 19.51 7.88
N ILE B 45 6.36 20.61 8.17
CA ILE B 45 5.81 21.65 9.05
C ILE B 45 5.17 22.74 8.21
N GLY B 46 4.00 23.18 8.64
CA GLY B 46 3.27 24.22 7.96
C GLY B 46 2.31 24.82 8.95
N PRO B 47 1.30 25.53 8.47
CA PRO B 47 0.36 26.21 9.38
C PRO B 47 -0.26 25.30 10.42
N ALA B 48 -0.52 24.04 10.09
CA ALA B 48 -1.16 23.15 11.04
C ALA B 48 -0.24 22.71 12.18
N SER B 49 1.07 22.88 12.00
CA SER B 49 2.02 22.23 12.91
C SER B 49 3.16 23.13 13.35
N ARG B 50 3.13 24.41 13.05
CA ARG B 50 4.26 25.30 13.24
C ARG B 50 4.34 25.90 14.63
N SER B 51 3.25 25.91 15.39
CA SER B 51 3.30 26.53 16.70
C SER B 51 4.14 25.68 17.66
N VAL B 52 4.76 26.34 18.63
CA VAL B 52 5.55 25.61 19.61
C VAL B 52 4.71 24.56 20.32
N GLU B 53 3.47 24.91 20.69
CA GLU B 53 2.60 23.99 21.40
C GLU B 53 2.35 22.73 20.59
N THR B 54 2.02 22.89 19.30
CA THR B 54 1.77 21.72 18.47
C THR B 54 3.04 20.93 18.22
N LEU B 55 4.17 21.62 18.01
CA LEU B 55 5.43 20.91 17.79
C LEU B 55 5.80 20.03 18.98
N LYS B 56 5.55 20.52 20.21
CA LYS B 56 5.82 19.68 21.38
C LYS B 56 5.03 18.38 21.28
N GLU B 57 3.76 18.47 20.88
CA GLU B 57 2.93 17.28 20.76
C GLU B 57 3.39 16.42 19.59
N MET B 58 3.84 17.03 18.51
CA MET B 58 4.40 16.28 17.38
CA MET B 58 4.34 16.22 17.42
C MET B 58 5.58 15.43 17.84
N ILE B 59 6.45 16.04 18.65
CA ILE B 59 7.60 15.30 19.16
C ILE B 59 7.15 14.16 20.06
N LYS B 60 6.22 14.45 20.97
CA LYS B 60 5.70 13.40 21.84
C LYS B 60 5.07 12.27 21.04
N SER B 61 4.45 12.59 19.91
CA SER B 61 3.75 11.62 19.06
C SER B 61 4.69 10.82 18.17
N GLY B 62 5.94 11.26 18.01
CA GLY B 62 6.93 10.45 17.31
C GLY B 62 7.72 11.14 16.22
N MET B 63 7.49 12.42 15.97
CA MET B 63 8.25 13.11 14.93
C MET B 63 9.74 13.09 15.23
N ASN B 64 10.54 12.69 14.23
CA ASN B 64 11.99 12.66 14.37
C ASN B 64 12.68 13.73 13.55
N VAL B 65 12.07 14.16 12.44
CA VAL B 65 12.65 15.12 11.52
C VAL B 65 11.55 16.09 11.11
N ALA B 66 11.84 17.37 11.17
CA ALA B 66 10.95 18.42 10.70
C ALA B 66 11.41 18.84 9.31
N ARG B 67 10.53 18.69 8.33
CA ARG B 67 10.80 19.06 6.94
C ARG B 67 10.21 20.43 6.66
N LEU B 68 11.05 21.30 6.13
CA LEU B 68 10.66 22.64 5.71
CA LEU B 68 10.63 22.64 5.70
C LEU B 68 10.61 22.66 4.18
N ASN B 69 9.46 22.98 3.63
CA ASN B 69 9.27 22.96 2.18
C ASN B 69 9.51 24.36 1.61
N PHE B 70 10.67 24.55 0.99
CA PHE B 70 11.03 25.85 0.43
C PHE B 70 10.39 26.12 -0.91
N SER B 71 9.44 25.30 -1.36
CA SER B 71 8.60 25.71 -2.47
C SER B 71 7.67 26.86 -2.10
N HIS B 72 7.53 27.17 -0.81
CA HIS B 72 6.69 28.26 -0.33
C HIS B 72 7.44 29.00 0.77
N GLY B 73 6.96 30.20 1.06
CA GLY B 73 7.39 30.95 2.23
C GLY B 73 8.66 31.75 2.01
N THR B 74 8.90 32.66 2.94
CA THR B 74 10.11 33.49 2.96
C THR B 74 11.13 32.92 3.93
N HIS B 75 12.36 33.44 3.84
CA HIS B 75 13.38 33.05 4.81
C HIS B 75 12.97 33.44 6.22
N GLU B 76 12.35 34.61 6.38
CA GLU B 76 11.89 35.02 7.69
C GLU B 76 10.93 33.98 8.26
N TYR B 77 9.99 33.51 7.45
CA TYR B 77 9.00 32.54 7.89
C TYR B 77 9.66 31.24 8.28
N HIS B 78 10.57 30.73 7.44
CA HIS B 78 11.24 29.48 7.76
C HIS B 78 12.14 29.61 8.96
N ALA B 79 12.81 30.75 9.12
CA ALA B 79 13.63 30.92 10.32
C ALA B 79 12.79 30.81 11.57
N GLU B 80 11.58 31.36 11.55
CA GLU B 80 10.74 31.26 12.73
C GLU B 80 10.26 29.83 12.93
N THR B 81 9.95 29.11 11.86
CA THR B 81 9.60 27.70 12.02
C THR B 81 10.72 26.94 12.69
N ILE B 82 11.96 27.16 12.23
CA ILE B 82 13.10 26.47 12.81
C ILE B 82 13.25 26.82 14.27
N LYS B 83 13.10 28.12 14.58
CA LYS B 83 13.17 28.54 15.98
C LYS B 83 12.15 27.79 16.82
N ASN B 84 10.94 27.65 16.31
CA ASN B 84 9.89 26.98 17.07
C ASN B 84 10.20 25.50 17.23
N VAL B 85 10.69 24.85 16.18
CA VAL B 85 11.10 23.45 16.29
C VAL B 85 12.11 23.29 17.41
N ARG B 86 13.11 24.17 17.45
CA ARG B 86 14.15 24.06 18.45
C ARG B 86 13.63 24.36 19.86
N THR B 87 12.75 25.36 19.99
CA THR B 87 12.16 25.63 21.29
C THR B 87 11.41 24.41 21.78
N ALA B 88 10.60 23.80 20.92
CA ALA B 88 9.86 22.61 21.30
C ALA B 88 10.79 21.46 21.65
N THR B 89 11.83 21.26 20.85
CA THR B 89 12.74 20.15 21.09
C THR B 89 13.45 20.33 22.42
N GLU B 90 13.94 21.55 22.68
CA GLU B 90 14.71 21.76 23.90
C GLU B 90 13.85 21.86 25.14
N SER B 91 12.52 21.97 24.99
CA SER B 91 11.66 21.96 26.17
C SER B 91 11.73 20.64 26.91
N PHE B 92 12.24 19.59 26.26
CA PHE B 92 12.38 18.28 26.87
C PHE B 92 13.81 17.99 27.34
N ALA B 93 14.73 18.95 27.21
CA ALA B 93 16.16 18.67 27.39
C ALA B 93 16.56 18.53 28.85
N SER B 94 15.71 18.93 29.78
CA SER B 94 16.09 18.86 31.19
C SER B 94 16.51 17.46 31.61
N ASP B 95 16.14 16.44 30.83
CA ASP B 95 16.50 15.05 31.14
C ASP B 95 17.19 14.45 29.93
N PRO B 96 18.54 14.41 29.89
CA PRO B 96 19.22 13.84 28.72
C PRO B 96 18.75 12.43 28.40
N ILE B 97 18.11 11.75 29.33
CA ILE B 97 17.72 10.36 29.12
C ILE B 97 16.38 10.26 28.37
N LEU B 98 15.49 11.24 28.52
CA LEU B 98 14.19 11.24 27.83
C LEU B 98 14.07 12.34 26.78
N TYR B 99 15.15 13.03 26.47
CA TYR B 99 15.16 14.01 25.41
C TYR B 99 15.29 13.30 24.07
N ARG B 100 14.50 13.71 23.09
CA ARG B 100 14.69 13.16 21.75
C ARG B 100 15.31 14.24 20.86
N PRO B 101 16.44 13.96 20.22
CA PRO B 101 16.93 14.87 19.20
C PRO B 101 15.89 14.93 18.09
N VAL B 102 15.77 16.11 17.49
CA VAL B 102 14.87 16.33 16.37
C VAL B 102 15.67 17.03 15.28
N ALA B 103 15.71 16.42 14.11
CA ALA B 103 16.45 16.97 12.98
C ALA B 103 15.60 17.97 12.19
N VAL B 104 16.32 18.85 11.49
CA VAL B 104 15.74 19.85 10.61
C VAL B 104 16.21 19.58 9.19
N ALA B 105 15.25 19.44 8.27
CA ALA B 105 15.52 19.16 6.88
C ALA B 105 14.99 20.29 6.01
N LEU B 106 15.82 20.74 5.08
CA LEU B 106 15.44 21.77 4.11
C LEU B 106 15.14 21.09 2.77
N ASP B 107 13.90 21.21 2.31
CA ASP B 107 13.48 20.60 1.05
C ASP B 107 13.43 21.70 -0.01
N THR B 108 14.28 21.57 -1.02
CA THR B 108 14.44 22.68 -1.95
C THR B 108 13.25 22.79 -2.90
N LYS B 109 13.08 23.99 -3.41
CA LYS B 109 12.14 24.18 -4.50
C LYS B 109 12.59 23.41 -5.74
N GLY B 110 13.83 23.62 -6.17
CA GLY B 110 14.34 22.93 -7.32
C GLY B 110 13.71 23.41 -8.60
N PRO B 111 13.92 22.64 -9.69
CA PRO B 111 13.38 23.00 -11.00
C PRO B 111 11.90 22.68 -11.16
N GLU B 112 11.12 23.28 -10.29
CA GLU B 112 9.69 23.14 -10.22
C GLU B 112 9.02 24.08 -11.22
N ILE B 113 7.90 23.64 -11.79
CA ILE B 113 7.04 24.50 -12.60
C ILE B 113 5.75 24.72 -11.82
N ARG B 114 5.32 25.98 -11.71
CA ARG B 114 4.07 26.28 -11.02
C ARG B 114 3.26 27.31 -11.77
N THR B 115 1.95 27.25 -11.58
CA THR B 115 1.05 28.26 -12.10
C THR B 115 1.07 29.51 -11.21
N GLY B 116 0.36 30.53 -11.66
CA GLY B 116 0.25 31.78 -10.93
C GLY B 116 -0.94 31.79 -9.98
N LEU B 117 -1.28 32.98 -9.53
CA LEU B 117 -2.40 33.16 -8.63
C LEU B 117 -3.68 33.37 -9.44
N ILE B 118 -4.74 32.69 -9.01
CA ILE B 118 -6.06 32.91 -9.58
C ILE B 118 -6.48 34.36 -9.36
N LYS B 119 -7.09 34.94 -10.38
CA LYS B 119 -7.60 36.30 -10.29
C LYS B 119 -8.50 36.39 -9.07
N GLY B 120 -8.18 37.33 -8.17
CA GLY B 120 -8.75 37.31 -6.84
C GLY B 120 -10.10 37.94 -6.70
N SER B 121 -10.61 38.54 -7.78
CA SER B 121 -11.89 39.22 -7.77
C SER B 121 -13.06 38.29 -8.04
N GLY B 122 -12.79 37.02 -8.35
CA GLY B 122 -13.85 36.06 -8.58
C GLY B 122 -13.71 34.85 -7.69
N THR B 123 -14.24 33.72 -8.13
CA THR B 123 -14.14 32.49 -7.35
C THR B 123 -12.67 32.15 -7.11
N ALA B 124 -12.39 31.63 -5.91
CA ALA B 124 -11.00 31.34 -5.53
C ALA B 124 -10.38 30.32 -6.45
N GLU B 125 -11.19 29.45 -7.04
CA GLU B 125 -10.75 28.48 -8.03
C GLU B 125 -11.61 28.66 -9.27
N VAL B 126 -11.04 28.30 -10.41
CA VAL B 126 -11.75 28.37 -11.69
C VAL B 126 -11.97 26.96 -12.20
N GLU B 127 -13.04 26.79 -12.98
CA GLU B 127 -13.39 25.48 -13.51
C GLU B 127 -12.83 25.37 -14.93
N LEU B 128 -11.96 24.38 -15.13
CA LEU B 128 -11.46 24.04 -16.45
C LEU B 128 -12.26 22.87 -16.96
N LYS B 129 -13.00 23.08 -18.04
CA LYS B 129 -13.93 22.08 -18.54
C LYS B 129 -13.33 21.37 -19.75
N LYS B 130 -13.52 20.06 -19.80
CA LYS B 130 -13.06 19.26 -20.93
C LYS B 130 -13.51 19.89 -22.24
N GLY B 131 -12.57 20.01 -23.17
CA GLY B 131 -12.84 20.55 -24.49
C GLY B 131 -12.67 22.04 -24.61
N ALA B 132 -12.55 22.76 -23.49
CA ALA B 132 -12.42 24.20 -23.55
C ALA B 132 -11.00 24.59 -23.96
N THR B 133 -10.90 25.80 -24.48
CA THR B 133 -9.60 26.38 -24.81
C THR B 133 -9.05 27.04 -23.56
N LEU B 134 -7.74 26.93 -23.39
CA LEU B 134 -7.05 27.61 -22.30
C LEU B 134 -5.71 28.07 -22.85
N LYS B 135 -5.43 29.35 -22.73
CA LYS B 135 -4.15 29.87 -23.19
C LYS B 135 -3.17 29.84 -22.04
N ILE B 136 -2.00 29.29 -22.29
CA ILE B 136 -0.89 29.36 -21.35
C ILE B 136 -0.04 30.55 -21.76
N THR B 137 0.19 31.46 -20.83
CA THR B 137 1.01 32.64 -21.11
C THR B 137 2.22 32.64 -20.17
N LEU B 138 3.28 33.28 -20.66
CA LEU B 138 4.47 33.57 -19.86
C LEU B 138 4.56 35.04 -19.51
N ASP B 139 3.59 35.85 -19.97
CA ASP B 139 3.56 37.29 -19.76
C ASP B 139 3.20 37.56 -18.31
N ASN B 140 4.15 38.13 -17.55
CA ASN B 140 3.95 38.33 -16.12
C ASN B 140 2.81 39.28 -15.79
N ALA B 141 2.27 40.00 -16.78
CA ALA B 141 1.06 40.78 -16.53
C ALA B 141 -0.05 39.90 -15.99
N TYR B 142 -0.04 38.60 -16.30
CA TYR B 142 -1.10 37.68 -15.90
C TYR B 142 -0.71 36.81 -14.73
N MET B 143 0.44 37.06 -14.10
CA MET B 143 0.96 36.18 -13.06
CA MET B 143 0.90 36.11 -13.11
C MET B 143 -0.01 36.05 -11.88
N GLU B 144 -0.78 37.10 -11.62
CA GLU B 144 -1.76 37.10 -10.54
C GLU B 144 -3.18 37.28 -11.07
N LYS B 145 -3.40 36.91 -12.35
CA LYS B 145 -4.71 37.01 -12.97
C LYS B 145 -5.08 35.72 -13.69
N CYS B 146 -4.69 34.58 -13.16
CA CYS B 146 -4.99 33.32 -13.82
C CYS B 146 -6.49 33.03 -13.74
N ASP B 147 -7.04 32.49 -14.82
CA ASP B 147 -8.45 32.10 -14.83
C ASP B 147 -8.66 31.04 -15.89
N GLU B 148 -9.94 30.78 -16.21
CA GLU B 148 -10.30 29.74 -17.16
C GLU B 148 -9.96 30.11 -18.60
N ASN B 149 -9.57 31.35 -18.85
CA ASN B 149 -9.17 31.76 -20.19
C ASN B 149 -7.65 31.80 -20.35
N ILE B 150 -6.93 32.24 -19.33
CA ILE B 150 -5.49 32.44 -19.45
C ILE B 150 -4.84 31.96 -18.16
N LEU B 151 -3.81 31.13 -18.31
CA LEU B 151 -3.09 30.55 -17.20
C LEU B 151 -1.62 30.90 -17.36
N TRP B 152 -1.09 31.66 -16.41
CA TRP B 152 0.33 31.95 -16.39
C TRP B 152 1.07 30.86 -15.64
N LEU B 153 2.27 30.55 -16.11
CA LEU B 153 3.16 29.70 -15.34
C LEU B 153 4.57 30.24 -15.45
N ASP B 154 5.44 29.73 -14.58
CA ASP B 154 6.70 30.38 -14.30
C ASP B 154 7.88 29.77 -15.06
N TYR B 155 7.65 28.82 -15.95
CA TYR B 155 8.73 28.21 -16.73
C TYR B 155 8.86 28.99 -18.03
N LYS B 156 9.77 29.97 -18.03
CA LYS B 156 9.83 30.93 -19.12
C LYS B 156 10.21 30.31 -20.46
N ASN B 157 10.87 29.16 -20.45
CA ASN B 157 11.32 28.53 -21.69
C ASN B 157 10.41 27.39 -22.14
N ILE B 158 9.20 27.29 -21.58
CA ILE B 158 8.34 26.15 -21.87
C ILE B 158 8.10 25.98 -23.36
N CYS B 159 7.96 27.08 -24.09
CA CYS B 159 7.60 26.95 -25.51
C CYS B 159 8.69 26.23 -26.30
N LYS B 160 9.94 26.28 -25.83
CA LYS B 160 11.01 25.60 -26.56
C LYS B 160 10.98 24.09 -26.39
N VAL B 161 10.38 23.57 -25.33
CA VAL B 161 10.48 22.15 -25.02
C VAL B 161 9.18 21.39 -25.27
N VAL B 162 8.12 22.07 -25.70
CA VAL B 162 6.89 21.40 -26.08
C VAL B 162 6.61 21.73 -27.54
N GLU B 163 5.75 20.93 -28.16
CA GLU B 163 5.32 21.16 -29.54
C GLU B 163 3.82 20.92 -29.59
N VAL B 164 3.22 21.14 -30.76
CA VAL B 164 1.81 20.81 -30.91
C VAL B 164 1.62 19.34 -30.59
N GLY B 165 0.59 19.05 -29.77
CA GLY B 165 0.31 17.70 -29.33
C GLY B 165 0.87 17.34 -27.97
N SER B 166 1.80 18.13 -27.44
CA SER B 166 2.36 17.84 -26.13
C SER B 166 1.29 17.95 -25.05
N LYS B 167 1.43 17.14 -24.01
CA LYS B 167 0.51 17.14 -22.87
C LYS B 167 1.14 17.89 -21.69
N ILE B 168 0.30 18.64 -20.98
CA ILE B 168 0.71 19.42 -19.82
C ILE B 168 -0.22 19.02 -18.68
N TYR B 169 0.37 18.65 -17.54
CA TYR B 169 -0.41 18.24 -16.36
C TYR B 169 -0.29 19.29 -15.28
N VAL B 170 -1.40 19.53 -14.58
CA VAL B 170 -1.50 20.57 -13.57
C VAL B 170 -2.17 19.99 -12.34
N ASP B 171 -1.66 20.35 -11.16
CA ASP B 171 -2.24 20.06 -9.85
C ASP B 171 -2.25 18.57 -9.53
N ASP B 172 -1.12 18.05 -9.06
CA ASP B 172 -1.00 16.61 -8.78
C ASP B 172 -1.41 15.76 -9.97
N GLY B 173 -1.18 16.28 -11.17
CA GLY B 173 -1.50 15.53 -12.38
C GLY B 173 -2.98 15.32 -12.62
N LEU B 174 -3.84 16.07 -11.93
CA LEU B 174 -5.28 15.83 -12.04
C LEU B 174 -5.92 16.52 -13.22
N ILE B 175 -5.38 17.66 -13.66
CA ILE B 175 -5.83 18.37 -14.83
C ILE B 175 -4.82 18.13 -15.94
N SER B 176 -5.29 17.98 -17.18
CA SER B 176 -4.36 17.87 -18.28
C SER B 176 -4.83 18.68 -19.47
N LEU B 177 -3.86 19.20 -20.21
CA LEU B 177 -4.06 20.04 -21.37
C LEU B 177 -3.23 19.49 -22.53
N GLN B 178 -3.68 19.77 -23.76
CA GLN B 178 -2.94 19.42 -24.97
C GLN B 178 -2.64 20.67 -25.76
N VAL B 179 -1.37 20.83 -26.16
CA VAL B 179 -0.99 22.00 -26.95
C VAL B 179 -1.58 21.88 -28.35
N LYS B 180 -2.30 22.92 -28.76
CA LYS B 180 -2.89 22.98 -30.08
C LYS B 180 -2.17 23.93 -31.02
N GLN B 181 -1.57 24.99 -30.49
CA GLN B 181 -0.84 25.95 -31.31
C GLN B 181 0.18 26.64 -30.41
N LYS B 182 1.25 27.15 -31.02
CA LYS B 182 2.32 27.80 -30.29
C LYS B 182 2.47 29.26 -30.73
N GLY B 183 2.77 30.12 -29.76
CA GLY B 183 3.12 31.50 -30.03
C GLY B 183 4.47 31.84 -29.42
N ALA B 184 4.86 33.11 -29.60
CA ALA B 184 6.15 33.56 -29.09
C ALA B 184 6.28 33.30 -27.60
N ASP B 185 5.31 33.76 -26.81
CA ASP B 185 5.34 33.61 -25.37
C ASP B 185 4.04 33.00 -24.87
N PHE B 186 3.45 32.10 -25.64
CA PHE B 186 2.19 31.49 -25.21
C PHE B 186 1.95 30.18 -25.95
N LEU B 187 1.04 29.39 -25.39
CA LEU B 187 0.57 28.15 -26.00
C LEU B 187 -0.95 28.19 -25.98
N VAL B 188 -1.57 27.77 -27.08
CA VAL B 188 -3.00 27.55 -27.10
C VAL B 188 -3.21 26.08 -26.79
N THR B 189 -3.97 25.80 -25.74
CA THR B 189 -4.19 24.43 -25.34
C THR B 189 -5.68 24.13 -25.31
N GLU B 190 -6.00 22.85 -25.32
CA GLU B 190 -7.34 22.38 -25.09
C GLU B 190 -7.33 21.54 -23.82
N VAL B 191 -8.34 21.74 -22.98
CA VAL B 191 -8.46 20.99 -21.74
C VAL B 191 -8.83 19.56 -22.08
N GLU B 192 -8.01 18.62 -21.63
CA GLU B 192 -8.26 17.19 -21.86
C GLU B 192 -8.97 16.60 -20.65
N ASN B 193 -8.37 16.71 -19.47
CA ASN B 193 -9.01 16.34 -18.21
C ASN B 193 -9.23 17.62 -17.44
N GLY B 194 -10.50 17.97 -17.23
CA GLY B 194 -10.85 19.20 -16.56
C GLY B 194 -10.90 19.06 -15.05
N GLY B 195 -11.13 20.18 -14.39
CA GLY B 195 -11.22 20.21 -12.95
C GLY B 195 -11.12 21.63 -12.43
N SER B 196 -11.18 21.74 -11.11
CA SER B 196 -11.09 23.04 -10.43
C SER B 196 -9.64 23.40 -10.20
N LEU B 197 -9.25 24.59 -10.63
CA LEU B 197 -7.87 25.05 -10.54
C LEU B 197 -7.73 26.17 -9.52
N GLY B 198 -6.86 25.97 -8.53
CA GLY B 198 -6.49 26.99 -7.58
C GLY B 198 -5.17 27.65 -7.94
N SER B 199 -4.59 28.30 -6.95
CA SER B 199 -3.39 29.11 -7.17
C SER B 199 -2.11 28.30 -6.98
N LYS B 200 -1.11 28.61 -7.78
CA LYS B 200 0.26 28.16 -7.51
C LYS B 200 0.35 26.64 -7.44
N LYS B 201 -0.17 25.98 -8.47
CA LYS B 201 -0.20 24.53 -8.52
C LYS B 201 0.94 24.01 -9.38
N GLY B 202 1.43 22.83 -9.02
CA GLY B 202 2.52 22.23 -9.73
C GLY B 202 2.14 21.75 -11.12
N VAL B 203 3.08 21.88 -12.03
CA VAL B 203 2.90 21.53 -13.44
C VAL B 203 3.95 20.50 -13.83
N ASN B 204 3.55 19.50 -14.61
CA ASN B 204 4.47 18.48 -15.08
C ASN B 204 4.36 18.36 -16.60
N LEU B 205 5.51 18.15 -17.24
CA LEU B 205 5.62 17.93 -18.68
C LEU B 205 6.30 16.59 -18.90
N PRO B 206 5.59 15.49 -18.69
CA PRO B 206 6.23 14.16 -18.74
C PRO B 206 6.89 13.83 -20.07
N GLY B 207 6.42 14.41 -21.17
CA GLY B 207 7.01 14.12 -22.47
C GLY B 207 8.12 15.05 -22.90
N ALA B 208 8.48 16.02 -22.07
CA ALA B 208 9.41 17.08 -22.45
C ALA B 208 10.72 16.93 -21.71
N ALA B 209 11.78 17.44 -22.33
CA ALA B 209 13.08 17.56 -21.67
C ALA B 209 13.14 18.94 -21.03
N VAL B 210 12.68 19.03 -19.77
CA VAL B 210 12.66 20.32 -19.06
C VAL B 210 14.08 20.75 -18.77
N ASP B 211 14.39 22.01 -19.09
CA ASP B 211 15.77 22.50 -19.10
C ASP B 211 16.08 23.50 -18.00
N LEU B 212 15.33 23.45 -16.91
CA LEU B 212 15.58 24.31 -15.78
C LEU B 212 16.83 23.85 -15.03
N PRO B 213 17.51 24.75 -14.34
CA PRO B 213 18.73 24.36 -13.63
C PRO B 213 18.44 23.44 -12.47
N ALA B 214 19.36 22.51 -12.22
CA ALA B 214 19.23 21.65 -11.07
C ALA B 214 19.22 22.48 -9.79
N VAL B 215 20.02 23.53 -9.76
CA VAL B 215 20.15 24.41 -8.61
C VAL B 215 20.04 25.84 -9.15
N SER B 216 18.90 26.46 -8.94
CA SER B 216 18.63 27.81 -9.41
C SER B 216 19.24 28.83 -8.44
N GLU B 217 19.20 30.10 -8.83
CA GLU B 217 19.70 31.13 -7.92
C GLU B 217 18.89 31.12 -6.62
N LYS B 218 17.59 30.89 -6.72
CA LYS B 218 16.78 30.80 -5.52
C LYS B 218 17.23 29.63 -4.65
N ASP B 219 17.48 28.46 -5.28
CA ASP B 219 17.94 27.31 -4.52
C ASP B 219 19.28 27.61 -3.83
N ILE B 220 20.19 28.31 -4.51
CA ILE B 220 21.45 28.68 -3.88
C ILE B 220 21.20 29.49 -2.63
N GLN B 221 20.34 30.51 -2.73
CA GLN B 221 20.02 31.31 -1.56
C GLN B 221 19.44 30.45 -0.45
N ASP B 222 18.54 29.53 -0.79
CA ASP B 222 17.91 28.71 0.23
C ASP B 222 18.91 27.76 0.87
N LEU B 223 19.77 27.15 0.05
CA LEU B 223 20.80 26.25 0.58
C LEU B 223 21.77 26.98 1.51
N LYS B 224 22.21 28.17 1.11
CA LYS B 224 23.09 28.96 1.96
C LYS B 224 22.40 29.35 3.25
N PHE B 225 21.09 29.66 3.18
CA PHE B 225 20.32 29.92 4.40
C PHE B 225 20.27 28.67 5.28
N GLY B 226 20.12 27.49 4.66
CA GLY B 226 20.14 26.26 5.43
C GLY B 226 21.45 26.05 6.15
N VAL B 227 22.57 26.35 5.49
CA VAL B 227 23.86 26.26 6.17
C VAL B 227 23.89 27.24 7.35
N GLU B 228 23.44 28.48 7.13
CA GLU B 228 23.48 29.47 8.18
C GLU B 228 22.60 29.10 9.35
N GLN B 229 21.50 28.41 9.07
CA GLN B 229 20.55 27.96 10.09
C GLN B 229 20.93 26.62 10.72
N ASP B 230 22.05 26.03 10.30
CA ASP B 230 22.56 24.78 10.89
C ASP B 230 21.57 23.63 10.68
N VAL B 231 20.98 23.54 9.49
CA VAL B 231 20.11 22.40 9.22
C VAL B 231 20.93 21.12 9.15
N ASP B 232 20.25 20.00 9.35
CA ASP B 232 20.92 18.71 9.39
C ASP B 232 21.01 18.02 8.04
N MET B 233 20.10 18.33 7.14
CA MET B 233 20.02 17.61 5.89
C MET B 233 19.24 18.46 4.90
N VAL B 234 19.50 18.20 3.64
CA VAL B 234 18.80 18.83 2.52
CA VAL B 234 18.75 18.82 2.55
C VAL B 234 18.11 17.72 1.73
N PHE B 235 16.86 17.92 1.38
CA PHE B 235 16.12 17.04 0.46
C PHE B 235 16.12 17.81 -0.85
N ALA B 236 16.95 17.38 -1.80
CA ALA B 236 17.16 18.13 -3.03
C ALA B 236 16.17 17.66 -4.09
N SER B 237 15.29 18.55 -4.52
CA SER B 237 14.21 18.20 -5.43
C SER B 237 14.71 17.96 -6.85
N PHE B 238 14.09 17.00 -7.51
CA PHE B 238 14.25 16.76 -8.96
C PHE B 238 15.68 16.43 -9.36
N ILE B 239 16.40 15.67 -8.54
CA ILE B 239 17.76 15.28 -8.92
C ILE B 239 17.70 14.27 -10.07
N ARG B 240 18.42 14.58 -11.15
CA ARG B 240 18.36 13.79 -12.38
C ARG B 240 19.65 13.05 -12.69
N LYS B 241 20.76 13.43 -12.07
CA LYS B 241 22.06 12.91 -12.45
C LYS B 241 23.06 13.28 -11.36
N ALA B 242 24.20 12.58 -11.37
CA ALA B 242 25.20 12.81 -10.33
C ALA B 242 25.66 14.26 -10.31
N SER B 243 25.77 14.90 -11.47
CA SER B 243 26.28 16.27 -11.46
C SER B 243 25.33 17.21 -10.72
N ASP B 244 24.03 16.88 -10.66
CA ASP B 244 23.12 17.69 -9.87
C ASP B 244 23.47 17.60 -8.39
N VAL B 245 23.81 16.39 -7.92
CA VAL B 245 24.22 16.22 -6.54
C VAL B 245 25.48 17.00 -6.28
N HIS B 246 26.42 16.93 -7.22
CA HIS B 246 27.66 17.67 -7.06
C HIS B 246 27.38 19.16 -6.88
N GLU B 247 26.44 19.69 -7.65
CA GLU B 247 26.12 21.10 -7.56
C GLU B 247 25.60 21.45 -6.18
N VAL B 248 24.70 20.62 -5.63
CA VAL B 248 24.18 20.87 -4.29
C VAL B 248 25.33 20.84 -3.28
N ARG B 249 26.19 19.83 -3.38
CA ARG B 249 27.27 19.71 -2.42
C ARG B 249 28.23 20.89 -2.49
N LYS B 250 28.45 21.41 -3.70
CA LYS B 250 29.31 22.58 -3.86
C LYS B 250 28.71 23.80 -3.18
N VAL B 251 27.39 24.00 -3.31
CA VAL B 251 26.75 25.14 -2.65
C VAL B 251 26.88 25.03 -1.14
N LEU B 252 26.63 23.84 -0.59
CA LEU B 252 26.76 23.67 0.84
C LEU B 252 28.20 23.93 1.27
N GLY B 253 29.15 23.54 0.44
CA GLY B 253 30.55 23.91 0.62
C GLY B 253 31.20 23.31 1.85
N GLU B 254 32.34 23.92 2.19
CA GLU B 254 33.06 23.51 3.37
C GLU B 254 32.25 23.73 4.64
N LYS B 255 31.61 24.89 4.77
CA LYS B 255 30.88 25.14 6.01
C LYS B 255 29.76 24.12 6.18
N GLY B 256 29.11 23.73 5.10
CA GLY B 256 28.03 22.76 5.17
C GLY B 256 28.42 21.34 4.87
N LYS B 257 29.71 21.01 5.00
CA LYS B 257 30.21 19.75 4.47
C LYS B 257 29.57 18.53 5.14
N ASN B 258 29.12 18.67 6.39
CA ASN B 258 28.55 17.55 7.12
C ASN B 258 27.04 17.48 7.02
N ILE B 259 26.42 18.40 6.28
CA ILE B 259 24.99 18.34 6.04
C ILE B 259 24.72 17.19 5.07
N LYS B 260 23.73 16.36 5.39
CA LYS B 260 23.44 15.20 4.55
C LYS B 260 22.64 15.64 3.33
N ILE B 261 22.99 15.12 2.17
CA ILE B 261 22.26 15.38 0.93
C ILE B 261 21.44 14.16 0.59
N ILE B 262 20.12 14.34 0.63
CA ILE B 262 19.16 13.31 0.26
C ILE B 262 18.62 13.73 -1.10
N SER B 263 18.91 12.94 -2.13
CA SER B 263 18.43 13.27 -3.47
C SER B 263 17.02 12.75 -3.64
N LYS B 264 16.12 13.63 -4.08
CA LYS B 264 14.73 13.26 -4.35
C LYS B 264 14.64 12.78 -5.79
N ILE B 265 14.15 11.56 -5.94
CA ILE B 265 13.95 10.95 -7.24
C ILE B 265 12.48 11.14 -7.60
N GLU B 266 12.25 11.94 -8.64
CA GLU B 266 10.94 12.48 -8.95
C GLU B 266 10.61 12.42 -10.43
N ASN B 267 11.49 11.89 -11.25
CA ASN B 267 11.24 11.86 -12.69
C ASN B 267 11.92 10.64 -13.28
N HIS B 268 11.66 10.43 -14.57
CA HIS B 268 12.15 9.24 -15.24
CA HIS B 268 12.15 9.23 -15.22
C HIS B 268 13.67 9.23 -15.31
N GLU B 269 14.27 10.39 -15.57
CA GLU B 269 15.73 10.42 -15.68
C GLU B 269 16.40 10.07 -14.35
N GLY B 270 15.85 10.56 -13.23
CA GLY B 270 16.40 10.19 -11.94
C GLY B 270 16.37 8.70 -11.69
N VAL B 271 15.30 8.04 -12.12
CA VAL B 271 15.24 6.58 -12.01
C VAL B 271 16.31 5.94 -12.88
N ARG B 272 16.42 6.38 -14.14
CA ARG B 272 17.39 5.80 -15.06
C ARG B 272 18.81 5.96 -14.54
N ARG B 273 19.12 7.12 -13.97
CA ARG B 273 20.47 7.45 -13.52
C ARG B 273 20.63 7.21 -12.03
N PHE B 274 19.80 6.33 -11.47
CA PHE B 274 19.76 6.17 -10.03
C PHE B 274 21.11 5.80 -9.44
N ASP B 275 21.81 4.84 -10.05
CA ASP B 275 23.04 4.37 -9.41
C ASP B 275 24.06 5.48 -9.22
N GLU B 276 24.27 6.31 -10.23
CA GLU B 276 25.25 7.38 -10.07
C GLU B 276 24.77 8.43 -9.08
N ILE B 277 23.46 8.66 -9.01
CA ILE B 277 22.91 9.59 -8.01
C ILE B 277 23.14 9.04 -6.61
N LEU B 278 22.84 7.75 -6.41
CA LEU B 278 23.02 7.14 -5.10
C LEU B 278 24.48 7.22 -4.65
N GLU B 279 25.42 7.00 -5.57
CA GLU B 279 26.84 7.03 -5.21
CA GLU B 279 26.83 7.02 -5.19
C GLU B 279 27.24 8.37 -4.62
N ALA B 280 26.77 9.46 -5.22
CA ALA B 280 27.15 10.79 -4.75
C ALA B 280 26.34 11.26 -3.56
N SER B 281 25.15 10.75 -3.37
CA SER B 281 24.25 11.22 -2.33
C SER B 281 24.56 10.55 -1.00
N ASP B 282 24.09 11.18 0.08
CA ASP B 282 24.08 10.50 1.36
C ASP B 282 22.88 9.57 1.50
N GLY B 283 21.77 9.91 0.87
CA GLY B 283 20.58 9.08 0.92
C GLY B 283 19.64 9.51 -0.19
N ILE B 284 18.46 8.88 -0.18
CA ILE B 284 17.50 9.01 -1.26
C ILE B 284 16.11 9.20 -0.69
N MET B 285 15.31 10.03 -1.37
CA MET B 285 13.88 10.05 -1.14
C MET B 285 13.15 9.58 -2.38
N VAL B 286 12.26 8.61 -2.20
CA VAL B 286 11.33 8.21 -3.25
C VAL B 286 10.19 9.23 -3.20
N ALA B 287 10.28 10.24 -4.07
CA ALA B 287 9.40 11.41 -4.00
C ALA B 287 8.21 11.14 -4.91
N ARG B 288 7.25 10.38 -4.36
CA ARG B 288 6.26 9.71 -5.21
C ARG B 288 5.25 10.65 -5.84
N GLY B 289 5.09 11.87 -5.32
CA GLY B 289 4.13 12.81 -5.86
C GLY B 289 4.46 13.15 -7.30
N ASP B 290 5.59 13.82 -7.50
CA ASP B 290 6.00 14.10 -8.86
C ASP B 290 6.27 12.81 -9.62
N LEU B 291 6.87 11.81 -8.98
CA LEU B 291 7.26 10.63 -9.74
C LEU B 291 6.06 9.99 -10.42
N GLY B 292 4.93 9.90 -9.72
CA GLY B 292 3.72 9.29 -10.23
C GLY B 292 2.94 10.14 -11.21
N ILE B 293 3.41 11.35 -11.49
CA ILE B 293 2.91 12.14 -12.61
C ILE B 293 3.86 12.04 -13.81
N GLU B 294 5.16 12.03 -13.53
CA GLU B 294 6.18 11.95 -14.55
C GLU B 294 6.21 10.58 -15.21
N ILE B 295 5.94 9.53 -14.45
CA ILE B 295 5.82 8.18 -15.00
C ILE B 295 4.42 7.67 -14.69
N PRO B 296 3.99 6.62 -15.39
CA PRO B 296 2.65 6.09 -15.13
C PRO B 296 2.48 5.70 -13.67
N ALA B 297 1.32 6.05 -13.10
CA ALA B 297 1.07 5.78 -11.69
C ALA B 297 1.25 4.32 -11.35
N GLU B 298 0.90 3.43 -12.27
CA GLU B 298 0.98 2.01 -12.02
C GLU B 298 2.42 1.48 -11.97
N LYS B 299 3.41 2.30 -12.30
CA LYS B 299 4.80 1.88 -12.26
C LYS B 299 5.53 2.36 -11.02
N VAL B 300 4.91 3.22 -10.21
CA VAL B 300 5.64 3.83 -9.09
C VAL B 300 6.14 2.75 -8.12
N PHE B 301 5.34 1.73 -7.85
CA PHE B 301 5.78 0.74 -6.87
C PHE B 301 7.05 0.02 -7.32
N LEU B 302 7.23 -0.15 -8.64
CA LEU B 302 8.46 -0.75 -9.15
C LEU B 302 9.65 0.12 -8.80
N ALA B 303 9.53 1.42 -9.10
CA ALA B 303 10.61 2.35 -8.81
C ALA B 303 10.86 2.43 -7.31
N GLN B 304 9.80 2.41 -6.50
CA GLN B 304 9.97 2.46 -5.05
C GLN B 304 10.75 1.26 -4.55
N LYS B 305 10.35 0.06 -4.97
CA LYS B 305 11.02 -1.15 -4.48
C LYS B 305 12.43 -1.26 -5.02
N MET B 306 12.64 -0.86 -6.28
CA MET B 306 14.00 -0.80 -6.82
C MET B 306 14.90 0.10 -5.98
N MET B 307 14.43 1.29 -5.66
CA MET B 307 15.28 2.25 -4.97
C MET B 307 15.52 1.82 -3.53
N ILE B 308 14.49 1.30 -2.85
CA ILE B 308 14.70 0.85 -1.49
C ILE B 308 15.67 -0.31 -1.47
N GLY B 309 15.49 -1.26 -2.38
CA GLY B 309 16.42 -2.39 -2.45
C GLY B 309 17.85 -1.93 -2.66
N ARG B 310 18.06 -1.03 -3.61
CA ARG B 310 19.43 -0.61 -3.91
C ARG B 310 20.02 0.22 -2.77
N CYS B 311 19.21 1.05 -2.11
CA CYS B 311 19.71 1.77 -0.96
C CYS B 311 20.05 0.82 0.19
N ASN B 312 19.23 -0.21 0.40
CA ASN B 312 19.55 -1.21 1.41
C ASN B 312 20.88 -1.91 1.07
N ARG B 313 21.09 -2.18 -0.23
N ARG B 313 21.10 -2.23 -0.21
CA ARG B 313 22.31 -2.83 -0.73
CA ARG B 313 22.38 -2.85 -0.56
C ARG B 313 23.54 -1.93 -0.55
C ARG B 313 23.54 -1.90 -0.28
N ALA B 314 23.35 -0.61 -0.55
CA ALA B 314 24.42 0.36 -0.38
C ALA B 314 24.61 0.81 1.05
N GLY B 315 23.69 0.46 1.95
CA GLY B 315 23.73 0.96 3.30
C GLY B 315 23.51 2.45 3.43
N LYS B 316 22.70 3.04 2.55
CA LYS B 316 22.38 4.45 2.63
C LYS B 316 20.90 4.63 2.86
N PRO B 317 20.51 5.64 3.64
CA PRO B 317 19.10 5.79 3.99
C PRO B 317 18.22 6.07 2.78
N VAL B 318 17.02 5.52 2.85
CA VAL B 318 15.98 5.75 1.86
C VAL B 318 14.67 6.11 2.55
N ILE B 319 14.04 7.18 2.07
CA ILE B 319 12.78 7.69 2.61
C ILE B 319 11.68 7.37 1.62
N CYS B 320 10.59 6.79 2.11
CA CYS B 320 9.37 6.72 1.31
C CYS B 320 8.50 7.92 1.62
N ALA B 321 8.07 8.63 0.58
CA ALA B 321 7.38 9.90 0.76
C ALA B 321 6.15 10.00 -0.12
N THR B 322 5.19 10.77 0.41
CA THR B 322 4.11 11.45 -0.32
C THR B 322 2.84 10.63 -0.43
N GLN B 323 1.77 11.18 0.15
CA GLN B 323 0.43 10.64 0.14
C GLN B 323 0.30 9.33 0.90
N MET B 324 1.19 9.08 1.85
CA MET B 324 1.12 7.84 2.59
C MET B 324 -0.15 7.73 3.43
N LEU B 325 -0.59 8.86 4.02
CA LEU B 325 -1.79 8.93 4.84
C LEU B 325 -2.66 10.09 4.38
N GLU B 326 -2.72 10.31 3.06
CA GLU B 326 -3.27 11.54 2.50
C GLU B 326 -4.67 11.86 2.99
N SER B 327 -5.55 10.87 3.09
CA SER B 327 -6.93 11.19 3.50
C SER B 327 -6.99 11.78 4.90
N MET B 328 -5.94 11.63 5.71
CA MET B 328 -5.92 12.19 7.05
C MET B 328 -5.69 13.69 7.08
N ILE B 329 -5.49 14.33 5.92
CA ILE B 329 -5.61 15.78 5.85
C ILE B 329 -6.99 16.21 6.36
N LYS B 330 -8.03 15.42 6.07
CA LYS B 330 -9.39 15.79 6.41
C LYS B 330 -10.08 14.82 7.37
N LYS B 331 -9.51 13.65 7.64
CA LYS B 331 -10.20 12.65 8.44
C LYS B 331 -9.28 12.15 9.55
N PRO B 332 -9.84 11.72 10.69
CA PRO B 332 -8.99 11.33 11.82
C PRO B 332 -8.44 9.92 11.76
N ARG B 333 -8.79 9.16 10.74
CA ARG B 333 -8.33 7.78 10.56
C ARG B 333 -7.99 7.63 9.09
N PRO B 334 -7.01 6.80 8.75
CA PRO B 334 -6.61 6.63 7.35
C PRO B 334 -7.48 5.60 6.63
N THR B 335 -7.37 5.60 5.29
CA THR B 335 -8.01 4.54 4.52
C THR B 335 -7.22 3.23 4.69
N ARG B 336 -7.82 2.14 4.23
CA ARG B 336 -7.13 0.86 4.30
C ARG B 336 -5.92 0.82 3.38
N ALA B 337 -5.98 1.49 2.21
CA ALA B 337 -4.80 1.53 1.34
C ALA B 337 -3.66 2.29 1.99
N GLU B 338 -4.00 3.34 2.74
CA GLU B 338 -2.97 4.13 3.41
C GLU B 338 -2.30 3.33 4.52
N GLY B 339 -3.07 2.62 5.34
CA GLY B 339 -2.43 1.79 6.35
C GLY B 339 -1.51 0.76 5.71
N SER B 340 -1.97 0.18 4.62
CA SER B 340 -1.18 -0.80 3.86
C SER B 340 0.10 -0.17 3.33
N ASP B 341 -0.01 1.03 2.74
CA ASP B 341 1.15 1.68 2.14
C ASP B 341 2.26 1.91 3.17
N VAL B 342 1.89 2.38 4.35
CA VAL B 342 2.91 2.63 5.37
C VAL B 342 3.57 1.33 5.78
N ALA B 343 2.76 0.29 6.02
CA ALA B 343 3.33 -0.98 6.45
C ALA B 343 4.25 -1.56 5.38
N ASN B 344 3.82 -1.50 4.12
CA ASN B 344 4.60 -2.07 3.04
C ASN B 344 5.88 -1.28 2.78
N ALA B 345 5.90 0.03 3.05
CA ALA B 345 7.14 0.76 2.90
C ALA B 345 8.17 0.25 3.88
N VAL B 346 7.74 -0.01 5.11
CA VAL B 346 8.62 -0.58 6.11
C VAL B 346 9.06 -1.99 5.71
N LEU B 347 8.11 -2.83 5.31
CA LEU B 347 8.47 -4.18 4.88
C LEU B 347 9.40 -4.16 3.68
N ASP B 348 9.22 -3.20 2.78
CA ASP B 348 10.13 -3.08 1.63
C ASP B 348 11.56 -2.84 2.09
N GLY B 349 11.74 -2.08 3.18
CA GLY B 349 13.05 -1.73 3.70
C GLY B 349 13.30 -0.25 3.88
N ALA B 350 12.27 0.59 3.80
CA ALA B 350 12.49 2.04 3.91
C ALA B 350 13.03 2.38 5.28
N ASP B 351 14.06 3.23 5.31
CA ASP B 351 14.59 3.71 6.58
C ASP B 351 13.63 4.65 7.27
N CYS B 352 12.97 5.51 6.50
CA CYS B 352 12.08 6.52 7.04
C CYS B 352 10.83 6.58 6.20
N ILE B 353 9.79 7.10 6.83
CA ILE B 353 8.52 7.38 6.19
C ILE B 353 8.19 8.86 6.46
N MET B 354 7.34 9.43 5.61
CA MET B 354 7.17 10.87 5.61
C MET B 354 5.70 11.26 5.52
N LEU B 355 5.41 12.43 6.08
CA LEU B 355 4.11 13.09 6.02
C LEU B 355 4.33 14.47 5.42
N SER B 356 3.41 14.85 4.52
CA SER B 356 3.47 16.14 3.84
C SER B 356 2.25 16.94 4.25
N GLY B 357 1.20 16.98 3.43
CA GLY B 357 0.02 17.75 3.78
C GLY B 357 -0.61 17.30 5.07
N GLU B 358 -0.48 16.01 5.40
CA GLU B 358 -1.06 15.48 6.62
C GLU B 358 -0.60 16.24 7.86
N THR B 359 0.65 16.68 7.88
CA THR B 359 1.13 17.46 9.02
C THR B 359 1.29 18.94 8.73
N ALA B 360 1.47 19.33 7.47
CA ALA B 360 1.72 20.74 7.17
C ALA B 360 0.43 21.55 7.16
N LYS B 361 -0.65 20.96 6.68
CA LYS B 361 -1.87 21.72 6.42
C LYS B 361 -3.13 21.09 6.96
N GLY B 362 -3.13 19.83 7.34
CA GLY B 362 -4.35 19.13 7.62
C GLY B 362 -4.91 19.38 8.99
N ASP B 363 -6.06 18.79 9.22
CA ASP B 363 -6.82 18.96 10.46
C ASP B 363 -6.42 17.96 11.54
N TYR B 364 -5.60 16.96 11.20
CA TYR B 364 -5.27 15.89 12.14
C TYR B 364 -3.78 15.57 12.12
N PRO B 365 -2.92 16.58 12.30
CA PRO B 365 -1.48 16.30 12.23
C PRO B 365 -1.00 15.30 13.26
N LEU B 366 -1.48 15.41 14.49
CA LEU B 366 -0.99 14.51 15.53
C LEU B 366 -1.45 13.09 15.28
N GLU B 367 -2.70 12.92 14.85
CA GLU B 367 -3.19 11.59 14.55
C GLU B 367 -2.38 10.96 13.43
N ALA B 368 -1.96 11.75 12.45
CA ALA B 368 -1.18 11.20 11.36
C ALA B 368 0.18 10.72 11.83
N VAL B 369 0.86 11.51 12.67
CA VAL B 369 2.15 11.08 13.22
C VAL B 369 1.96 9.81 14.04
N ARG B 370 0.94 9.80 14.89
CA ARG B 370 0.72 8.66 15.78
C ARG B 370 0.42 7.41 14.97
N MET B 371 -0.28 7.54 13.85
CA MET B 371 -0.60 6.38 13.03
C MET B 371 0.64 5.85 12.33
N GLN B 372 1.51 6.71 11.83
CA GLN B 372 2.77 6.21 11.27
C GLN B 372 3.58 5.48 12.33
N HIS B 373 3.61 5.99 13.56
CA HIS B 373 4.32 5.31 14.64
C HIS B 373 3.74 3.93 14.88
N LEU B 374 2.42 3.83 14.99
CA LEU B 374 1.79 2.55 15.26
C LEU B 374 2.02 1.56 14.14
N ILE B 375 1.84 1.99 12.90
CA ILE B 375 2.00 1.05 11.80
C ILE B 375 3.45 0.61 11.68
N ALA B 376 4.39 1.56 11.76
CA ALA B 376 5.80 1.21 11.61
C ALA B 376 6.21 0.16 12.64
N ARG B 377 5.80 0.33 13.89
CA ARG B 377 6.17 -0.64 14.90
C ARG B 377 5.63 -2.03 14.58
N GLU B 378 4.38 -2.11 14.13
CA GLU B 378 3.82 -3.41 13.79
C GLU B 378 4.57 -4.03 12.62
N ALA B 379 4.89 -3.21 11.60
CA ALA B 379 5.54 -3.73 10.41
C ALA B 379 6.98 -4.16 10.70
N GLU B 380 7.66 -3.45 11.59
CA GLU B 380 9.03 -3.81 11.93
C GLU B 380 9.10 -5.21 12.50
N ALA B 381 8.09 -5.60 13.28
CA ALA B 381 8.09 -6.94 13.87
C ALA B 381 7.81 -8.00 12.81
N ALA B 382 7.07 -7.62 11.75
CA ALA B 382 6.64 -8.54 10.73
C ALA B 382 7.69 -8.79 9.65
N ILE B 383 8.79 -8.03 9.65
CA ILE B 383 9.86 -8.29 8.71
C ILE B 383 10.36 -9.73 8.87
N TYR B 384 10.72 -10.36 7.75
CA TYR B 384 11.30 -11.70 7.79
C TYR B 384 12.83 -11.57 7.88
N HIS B 385 13.31 -11.32 9.09
CA HIS B 385 14.73 -11.03 9.29
C HIS B 385 15.61 -12.19 8.87
N LEU B 386 15.11 -13.42 8.98
CA LEU B 386 15.94 -14.57 8.65
C LEU B 386 16.45 -14.45 7.22
N GLN B 387 15.57 -14.14 6.28
CA GLN B 387 15.97 -14.02 4.89
C GLN B 387 16.70 -12.72 4.63
N LEU B 388 16.22 -11.62 5.20
CA LEU B 388 16.82 -10.32 4.95
C LEU B 388 18.29 -10.31 5.39
N PHE B 389 18.57 -10.79 6.61
CA PHE B 389 19.94 -10.76 7.10
C PHE B 389 20.83 -11.66 6.25
N GLU B 390 20.35 -12.85 5.89
CA GLU B 390 21.14 -13.72 5.04
C GLU B 390 21.48 -13.03 3.71
N GLU B 391 20.51 -12.37 3.10
CA GLU B 391 20.77 -11.76 1.80
C GLU B 391 21.66 -10.53 1.93
N LEU B 392 21.47 -9.72 2.97
CA LEU B 392 22.36 -8.58 3.15
C LEU B 392 23.79 -9.04 3.34
N ARG B 393 24.00 -10.12 4.11
CA ARG B 393 25.34 -10.64 4.31
C ARG B 393 25.92 -11.12 3.00
N ARG B 394 25.13 -11.88 2.23
CA ARG B 394 25.64 -12.49 1.01
C ARG B 394 26.00 -11.43 -0.03
N LEU B 395 25.30 -10.31 -0.04
CA LEU B 395 25.49 -9.31 -1.07
C LEU B 395 26.45 -8.21 -0.67
N ALA B 396 26.89 -8.19 0.58
CA ALA B 396 27.76 -7.12 1.05
C ALA B 396 29.13 -7.20 0.38
N PRO B 397 29.78 -6.06 0.18
CA PRO B 397 31.16 -6.08 -0.34
C PRO B 397 32.12 -6.88 0.54
N ILE B 398 33.08 -7.54 -0.08
CA ILE B 398 34.06 -8.35 0.64
C ILE B 398 35.11 -7.44 1.28
N THR B 399 35.36 -7.64 2.57
CA THR B 399 36.33 -6.85 3.30
C THR B 399 36.80 -7.59 4.53
N SER B 400 38.04 -7.36 4.91
CA SER B 400 38.57 -7.88 6.17
CA SER B 400 38.59 -7.87 6.16
C SER B 400 38.53 -6.85 7.28
N ASP B 401 37.88 -5.71 7.04
CA ASP B 401 37.76 -4.66 8.04
C ASP B 401 37.27 -5.20 9.38
N PRO B 402 38.03 -5.04 10.47
CA PRO B 402 37.56 -5.48 11.78
C PRO B 402 36.25 -4.85 12.22
N THR B 403 36.01 -3.58 11.91
CA THR B 403 34.80 -2.94 12.39
C THR B 403 33.57 -3.55 11.74
N GLU B 404 33.60 -3.75 10.42
CA GLU B 404 32.49 -4.39 9.73
CA GLU B 404 32.49 -4.39 9.73
C GLU B 404 32.24 -5.79 10.27
N ALA B 405 33.31 -6.55 10.52
CA ALA B 405 33.14 -7.91 11.02
C ALA B 405 32.50 -7.90 12.40
N THR B 406 32.87 -6.93 13.24
CA THR B 406 32.29 -6.84 14.55
C THR B 406 30.83 -6.44 14.48
N ALA B 407 30.48 -5.57 13.52
CA ALA B 407 29.09 -5.16 13.36
C ALA B 407 28.23 -6.34 12.96
N VAL B 408 28.68 -7.12 11.98
CA VAL B 408 27.91 -8.29 11.56
CA VAL B 408 27.89 -8.27 11.57
C VAL B 408 27.80 -9.29 12.69
N GLY B 409 28.91 -9.52 13.40
CA GLY B 409 28.88 -10.44 14.53
C GLY B 409 27.90 -9.99 15.60
N ALA B 410 27.83 -8.68 15.83
CA ALA B 410 26.92 -8.15 16.83
C ALA B 410 25.47 -8.33 16.40
N VAL B 411 25.20 -8.14 15.12
CA VAL B 411 23.84 -8.36 14.65
C VAL B 411 23.46 -9.82 14.78
N GLU B 412 24.33 -10.75 14.39
CA GLU B 412 24.01 -12.15 14.59
C GLU B 412 23.83 -12.47 16.07
N ALA B 413 24.71 -11.96 16.93
CA ALA B 413 24.54 -12.18 18.37
C ALA B 413 23.19 -11.66 18.84
N SER B 414 22.77 -10.51 18.33
CA SER B 414 21.50 -9.94 18.75
C SER B 414 20.32 -10.83 18.40
N PHE B 415 20.37 -11.49 17.23
CA PHE B 415 19.31 -12.44 16.89
C PHE B 415 19.36 -13.66 17.80
N LYS B 416 20.57 -14.15 18.08
CA LYS B 416 20.74 -15.39 18.83
C LYS B 416 20.16 -15.29 20.23
N CYS B 417 20.25 -14.12 20.88
CA CYS B 417 19.75 -13.95 22.24
C CYS B 417 18.54 -13.03 22.30
N CYS B 418 17.95 -12.68 21.16
CA CYS B 418 16.80 -11.78 21.11
CA CYS B 418 16.80 -11.79 21.11
C CYS B 418 17.05 -10.56 21.99
N SER B 419 18.15 -9.89 21.68
CA SER B 419 18.64 -8.87 22.58
CA SER B 419 18.67 -8.84 22.53
C SER B 419 17.72 -7.65 22.62
N GLY B 420 17.77 -6.96 23.75
CA GLY B 420 16.99 -5.76 23.92
C GLY B 420 17.51 -4.56 23.16
N ALA B 421 18.79 -4.58 22.79
CA ALA B 421 19.38 -3.47 22.06
C ALA B 421 20.79 -3.85 21.67
N ILE B 422 21.30 -3.14 20.68
CA ILE B 422 22.73 -3.06 20.38
C ILE B 422 23.13 -1.62 20.69
N ILE B 423 24.02 -1.46 21.66
CA ILE B 423 24.53 -0.14 22.05
C ILE B 423 25.81 0.11 21.29
N VAL B 424 25.93 1.27 20.67
CA VAL B 424 27.12 1.62 19.90
CA VAL B 424 27.09 1.63 19.85
C VAL B 424 27.49 3.07 20.17
N LEU B 425 28.77 3.31 20.30
CA LEU B 425 29.31 4.64 20.54
C LEU B 425 29.80 5.22 19.21
N THR B 426 29.42 6.46 18.91
CA THR B 426 29.80 7.03 17.63
C THR B 426 29.91 8.55 17.72
N LYS B 427 30.94 9.11 17.06
CA LYS B 427 31.09 10.56 16.96
C LYS B 427 30.33 11.13 15.77
N SER B 428 30.50 10.52 14.60
CA SER B 428 29.98 11.08 13.36
C SER B 428 28.81 10.30 12.81
N GLY B 429 28.56 9.09 13.31
CA GLY B 429 27.42 8.26 12.92
C GLY B 429 27.82 6.93 12.32
N ARG B 430 28.97 6.87 11.64
CA ARG B 430 29.30 5.72 10.81
C ARG B 430 29.20 4.40 11.55
N TYR B 431 29.74 4.30 12.77
CA TYR B 431 29.75 3.00 13.41
C TYR B 431 28.34 2.48 13.62
N ALA B 432 27.39 3.37 13.91
CA ALA B 432 26.00 2.97 14.04
C ALA B 432 25.37 2.65 12.70
N HIS B 433 25.71 3.42 11.65
CA HIS B 433 25.23 3.11 10.30
C HIS B 433 25.62 1.70 9.90
N GLN B 434 26.83 1.28 10.27
CA GLN B 434 27.34 -0.02 9.85
C GLN B 434 26.55 -1.15 10.46
N VAL B 435 26.07 -0.96 11.69
CA VAL B 435 25.16 -1.94 12.30
C VAL B 435 23.81 -1.91 11.61
N ALA B 436 23.26 -0.71 11.41
CA ALA B 436 21.93 -0.57 10.84
C ALA B 436 21.81 -1.21 9.47
N ARG B 437 22.88 -1.21 8.68
CA ARG B 437 22.76 -1.73 7.33
C ARG B 437 22.51 -3.24 7.32
N TYR B 438 22.79 -3.95 8.40
CA TYR B 438 22.48 -5.37 8.49
C TYR B 438 21.12 -5.63 9.11
N ARG B 439 20.39 -4.57 9.47
CA ARG B 439 18.96 -4.64 9.80
C ARG B 439 18.63 -5.58 10.94
N PRO B 440 19.23 -5.38 12.10
CA PRO B 440 18.81 -6.15 13.27
C PRO B 440 17.38 -5.84 13.64
N ARG B 441 16.76 -6.81 14.31
CA ARG B 441 15.48 -6.55 14.96
CA ARG B 441 15.49 -6.56 14.97
C ARG B 441 15.66 -5.64 16.17
N ALA B 442 16.72 -5.86 16.95
CA ALA B 442 16.95 -5.09 18.16
C ALA B 442 17.23 -3.62 17.83
N PRO B 443 16.71 -2.69 18.65
CA PRO B 443 17.06 -1.28 18.44
C PRO B 443 18.54 -1.05 18.65
N ILE B 444 19.06 -0.08 17.90
CA ILE B 444 20.47 0.32 17.96
C ILE B 444 20.50 1.64 18.73
N ILE B 445 20.94 1.59 19.98
CA ILE B 445 21.06 2.81 20.79
C ILE B 445 22.44 3.38 20.50
N ALA B 446 22.47 4.48 19.74
CA ALA B 446 23.71 5.12 19.33
C ALA B 446 23.99 6.30 20.25
N VAL B 447 25.03 6.17 21.07
CA VAL B 447 25.40 7.22 22.01
C VAL B 447 26.46 8.10 21.36
N THR B 448 26.20 9.40 21.35
CA THR B 448 27.12 10.38 20.79
C THR B 448 27.11 11.61 21.69
N ARG B 449 28.22 12.35 21.63
CA ARG B 449 28.27 13.69 22.20
C ARG B 449 28.09 14.77 21.15
N ASN B 450 27.91 14.38 19.89
CA ASN B 450 27.82 15.32 18.80
C ASN B 450 26.34 15.59 18.52
N PRO B 451 25.82 16.79 18.80
CA PRO B 451 24.38 17.02 18.63
C PRO B 451 23.91 16.83 17.20
N GLN B 452 24.72 17.19 16.22
CA GLN B 452 24.29 17.00 14.83
C GLN B 452 24.22 15.52 14.48
N THR B 453 25.17 14.72 14.95
CA THR B 453 25.07 13.28 14.72
C THR B 453 23.80 12.73 15.34
N ALA B 454 23.46 13.21 16.54
CA ALA B 454 22.26 12.72 17.20
C ALA B 454 21.01 13.01 16.37
N ARG B 455 20.97 14.17 15.70
CA ARG B 455 19.83 14.50 14.86
C ARG B 455 19.84 13.72 13.55
N GLN B 456 21.02 13.61 12.90
CA GLN B 456 21.10 12.99 11.60
C GLN B 456 20.85 11.49 11.67
N ALA B 457 21.19 10.87 12.79
CA ALA B 457 21.16 9.42 12.86
C ALA B 457 19.75 8.87 12.75
N HIS B 458 18.75 9.72 12.98
CA HIS B 458 17.36 9.32 12.74
C HIS B 458 17.12 8.76 11.35
N LEU B 459 17.92 9.17 10.37
CA LEU B 459 17.69 8.73 9.00
C LEU B 459 17.87 7.24 8.80
N TYR B 460 18.55 6.55 9.71
CA TYR B 460 18.84 5.12 9.54
C TYR B 460 17.87 4.28 10.35
N ARG B 461 17.27 3.29 9.68
CA ARG B 461 16.41 2.33 10.36
C ARG B 461 17.09 1.75 11.59
N GLY B 462 16.37 1.74 12.69
CA GLY B 462 16.83 1.09 13.90
C GLY B 462 17.70 1.94 14.79
N ILE B 463 18.22 3.07 14.33
CA ILE B 463 19.06 3.87 15.20
C ILE B 463 18.19 4.77 16.07
N PHE B 464 18.35 4.63 17.38
CA PHE B 464 17.72 5.44 18.41
C PHE B 464 18.85 6.29 18.97
N PRO B 465 19.02 7.53 18.51
CA PRO B 465 20.16 8.34 18.95
C PRO B 465 19.94 8.85 20.36
N VAL B 466 21.02 8.87 21.14
CA VAL B 466 21.00 9.46 22.47
C VAL B 466 22.20 10.39 22.59
N LEU B 467 21.95 11.60 23.07
CA LEU B 467 22.95 12.65 23.13
C LEU B 467 23.46 12.73 24.56
N CYS B 468 24.68 12.26 24.77
CA CYS B 468 25.33 12.33 26.07
C CYS B 468 25.88 13.73 26.25
N LYS B 469 25.55 14.35 27.38
CA LYS B 469 25.97 15.71 27.69
C LYS B 469 26.99 15.76 28.82
N ASP B 470 27.47 14.61 29.29
CA ASP B 470 28.43 14.59 30.37
C ASP B 470 29.81 15.00 29.87
N PRO B 471 30.63 15.63 30.71
CA PRO B 471 32.02 15.88 30.33
C PRO B 471 32.76 14.59 30.02
N VAL B 472 33.80 14.70 29.20
CA VAL B 472 34.67 13.55 28.93
C VAL B 472 35.41 13.19 30.20
N GLN B 473 35.45 11.90 30.52
CA GLN B 473 36.16 11.44 31.71
C GLN B 473 37.66 11.35 31.42
N GLU B 474 38.44 11.44 32.48
CA GLU B 474 39.90 11.49 32.32
C GLU B 474 40.44 10.22 31.67
N ALA B 475 39.92 9.07 32.06
CA ALA B 475 40.39 7.78 31.57
C ALA B 475 39.48 7.32 30.43
N TRP B 476 40.09 6.90 29.32
CA TRP B 476 39.33 6.45 28.15
C TRP B 476 38.33 5.36 28.52
N ALA B 477 38.78 4.34 29.25
CA ALA B 477 37.88 3.23 29.59
C ALA B 477 36.71 3.70 30.43
N GLU B 478 36.97 4.63 31.36
CA GLU B 478 35.89 5.17 32.20
C GLU B 478 34.93 6.00 31.37
N ASP B 479 35.42 6.70 30.35
CA ASP B 479 34.53 7.48 29.51
C ASP B 479 33.67 6.58 28.63
N VAL B 480 34.23 5.49 28.13
CA VAL B 480 33.43 4.49 27.42
C VAL B 480 32.34 3.95 28.34
N ASP B 481 32.72 3.56 29.57
CA ASP B 481 31.75 2.99 30.51
C ASP B 481 30.65 3.98 30.82
N LEU B 482 30.99 5.26 30.99
CA LEU B 482 29.97 6.26 31.26
C LEU B 482 28.94 6.29 30.15
N ARG B 483 29.40 6.25 28.90
CA ARG B 483 28.48 6.35 27.78
C ARG B 483 27.66 5.07 27.62
N VAL B 484 28.26 3.91 27.86
CA VAL B 484 27.49 2.68 27.84
C VAL B 484 26.43 2.70 28.94
N ASN B 485 26.80 3.14 30.14
CA ASN B 485 25.86 3.16 31.26
C ASN B 485 24.72 4.12 30.97
N PHE B 486 25.01 5.25 30.31
CA PHE B 486 23.96 6.17 29.89
C PHE B 486 22.96 5.46 28.99
N ALA B 487 23.43 4.70 28.00
CA ALA B 487 22.53 3.96 27.13
C ALA B 487 21.74 2.91 27.91
N MET B 488 22.38 2.24 28.86
CA MET B 488 21.67 1.25 29.66
C MET B 488 20.53 1.89 30.42
N ASN B 489 20.78 3.05 31.01
CA ASN B 489 19.74 3.72 31.78
C ASN B 489 18.64 4.27 30.88
N VAL B 490 18.99 4.83 29.71
CA VAL B 490 17.97 5.26 28.76
C VAL B 490 17.08 4.09 28.35
N GLY B 491 17.71 2.97 27.96
CA GLY B 491 16.92 1.84 27.53
C GLY B 491 16.00 1.34 28.63
N LYS B 492 16.51 1.30 29.86
CA LYS B 492 15.68 0.85 30.98
C LYS B 492 14.54 1.83 31.24
N ALA B 493 14.85 3.12 31.27
CA ALA B 493 13.83 4.13 31.57
C ALA B 493 12.76 4.16 30.50
N ARG B 494 13.12 3.92 29.24
CA ARG B 494 12.16 3.96 28.13
C ARG B 494 11.48 2.62 27.88
N GLY B 495 11.77 1.60 28.70
CA GLY B 495 11.07 0.33 28.57
C GLY B 495 11.57 -0.56 27.45
N PHE B 496 12.77 -0.31 26.93
CA PHE B 496 13.30 -1.17 25.89
C PHE B 496 13.80 -2.50 26.43
N PHE B 497 14.27 -2.52 27.67
CA PHE B 497 14.75 -3.73 28.31
C PHE B 497 14.77 -3.50 29.81
N LYS B 498 14.99 -4.57 30.56
CA LYS B 498 15.00 -4.53 32.01
C LYS B 498 15.95 -5.62 32.50
N LYS B 499 16.13 -5.69 33.82
CA LYS B 499 17.01 -6.70 34.39
C LYS B 499 16.63 -8.09 33.90
N GLY B 500 17.64 -8.90 33.60
CA GLY B 500 17.43 -10.22 33.07
C GLY B 500 17.45 -10.30 31.56
N ASP B 501 17.28 -9.17 30.88
CA ASP B 501 17.45 -9.13 29.45
C ASP B 501 18.94 -9.12 29.11
N VAL B 502 19.24 -9.22 27.82
CA VAL B 502 20.61 -9.22 27.35
C VAL B 502 20.75 -8.13 26.31
N VAL B 503 21.84 -7.36 26.39
CA VAL B 503 22.12 -6.34 25.38
C VAL B 503 23.52 -6.57 24.82
N ILE B 504 23.70 -6.14 23.58
CA ILE B 504 24.98 -6.21 22.89
C ILE B 504 25.60 -4.82 22.96
N VAL B 505 26.88 -4.74 23.30
CA VAL B 505 27.59 -3.47 23.45
C VAL B 505 28.80 -3.47 22.54
N LEU B 506 28.87 -2.47 21.66
CA LEU B 506 29.99 -2.29 20.74
C LEU B 506 30.77 -1.04 21.08
N THR B 507 32.08 -1.20 21.25
CA THR B 507 32.94 -0.09 21.62
C THR B 507 34.28 -0.16 20.89
N GLY B 508 35.03 0.93 21.03
CA GLY B 508 36.29 1.05 20.36
C GLY B 508 37.37 0.16 20.94
N TRP B 509 38.41 -0.02 20.16
CA TRP B 509 39.49 -0.93 20.54
C TRP B 509 40.27 -0.41 21.74
N ARG B 510 40.80 0.79 21.62
CA ARG B 510 41.75 1.33 22.58
C ARG B 510 41.97 2.80 22.22
N PRO B 511 42.59 3.58 23.11
CA PRO B 511 42.82 5.00 22.81
C PRO B 511 43.58 5.18 21.51
N GLY B 512 43.13 6.10 20.69
CA GLY B 512 43.81 6.41 19.44
C GLY B 512 43.45 5.52 18.27
N SER B 513 42.61 4.51 18.46
CA SER B 513 42.16 3.67 17.36
C SER B 513 40.78 4.11 16.90
N GLY B 514 40.55 3.98 15.61
CA GLY B 514 39.23 4.17 15.04
C GLY B 514 38.46 2.88 14.79
N PHE B 515 38.99 1.73 15.20
CA PHE B 515 38.25 0.49 15.05
C PHE B 515 37.19 0.41 16.16
N THR B 516 35.96 0.08 15.77
CA THR B 516 34.93 -0.33 16.72
C THR B 516 34.83 -1.83 16.55
N ASN B 517 35.64 -2.52 17.35
CA ASN B 517 35.98 -3.92 17.14
C ASN B 517 35.82 -4.75 18.40
N THR B 518 35.09 -4.24 19.41
CA THR B 518 34.94 -4.91 20.68
C THR B 518 33.46 -5.10 20.94
N MET B 519 33.06 -6.35 21.15
CA MET B 519 31.67 -6.70 21.36
C MET B 519 31.54 -7.40 22.70
N ARG B 520 30.67 -6.89 23.54
CA ARG B 520 30.32 -7.51 24.81
CA ARG B 520 30.33 -7.52 24.80
C ARG B 520 28.85 -7.87 24.78
N VAL B 521 28.51 -9.02 25.34
CA VAL B 521 27.14 -9.48 25.46
C VAL B 521 26.81 -9.44 26.94
N VAL B 522 25.96 -8.49 27.33
CA VAL B 522 25.86 -7.99 28.69
C VAL B 522 24.49 -8.36 29.24
N PRO B 523 24.38 -9.14 30.31
CA PRO B 523 23.12 -9.19 31.03
C PRO B 523 22.79 -7.80 31.55
N VAL B 524 21.54 -7.40 31.39
CA VAL B 524 21.16 -6.07 31.87
C VAL B 524 21.13 -6.11 33.40
N PRO B 525 21.86 -5.22 34.09
CA PRO B 525 21.67 -5.14 35.53
C PRO B 525 20.41 -4.31 35.80
#